data_5GN1
#
_entry.id   5GN1
#
_cell.length_a   114.431
_cell.length_b   118.394
_cell.length_c   111.578
_cell.angle_alpha   90.00
_cell.angle_beta   107.28
_cell.angle_gamma   90.00
#
_symmetry.space_group_name_H-M   'C 1 2 1'
#
loop_
_entity.id
_entity.type
_entity.pdbx_description
1 polymer 'ATP-dependent helicase FUN30'
2 water water
#
_entity_poly.entity_id   1
_entity_poly.type   'polypeptide(L)'
_entity_poly.pdbx_seq_one_letter_code
;MASMTGGQQMGRGSMPLLAQEAITRAKTMMKPFILRRRKDQVLKHLPPKHTHIQYCELNAIQKKIYDKEIQIVLEHKRMI
KDGELPKDAKEKSKLQSSSSKNLIMALRKASLHPLLFRNIYNDKIITKMSDAILDEPAYAENGNKEYIKEDMSYMTDFEL
HKLCCNFPNTLSKYQLHNDEWMQSGKIDALKKLLKTIIVDKQEKVLIFSLFTQVLDILEMVLSTLDYKFLRLDGSTQVND
RQLLIDKFYEDKDIPIFILSTKAGGFGINLVCANNVIIFDQSFNPHDDRQAADRAHRVGQTKEVNITTLITKDSIEEKIH
QLAKNKLALDSYISEDKKSQDVLESKVSDMLEDIIYDELEHHHHHH
;
_entity_poly.pdbx_strand_id   A,B,C,D
#
# COMPACT_ATOMS: atom_id res chain seq x y z
N LEU A 46 -21.60 -5.31 13.35
CA LEU A 46 -20.61 -6.36 13.19
C LEU A 46 -19.26 -5.75 12.82
N PRO A 47 -18.24 -5.88 13.66
CA PRO A 47 -16.93 -5.31 13.34
C PRO A 47 -16.37 -5.96 12.09
N PRO A 48 -15.43 -5.30 11.41
CA PRO A 48 -14.91 -5.83 10.15
C PRO A 48 -14.07 -7.08 10.34
N LYS A 49 -14.04 -7.90 9.30
CA LYS A 49 -13.10 -9.00 9.18
C LYS A 49 -11.98 -8.62 8.21
N HIS A 50 -10.83 -9.28 8.37
CA HIS A 50 -9.68 -9.06 7.50
C HIS A 50 -9.07 -10.41 7.14
N THR A 51 -8.87 -10.66 5.84
CA THR A 51 -8.29 -11.90 5.36
C THR A 51 -6.86 -11.69 4.89
N HIS A 52 -5.98 -12.64 5.20
CA HIS A 52 -4.57 -12.55 4.89
C HIS A 52 -4.11 -13.88 4.31
N ILE A 53 -2.99 -13.85 3.59
CA ILE A 53 -2.32 -15.04 3.09
C ILE A 53 -0.99 -15.14 3.80
N GLN A 54 -0.68 -16.32 4.33
CA GLN A 54 0.63 -16.57 4.91
C GLN A 54 1.32 -17.65 4.09
N TYR A 55 2.45 -17.29 3.47
CA TYR A 55 3.13 -18.24 2.61
C TYR A 55 4.03 -19.16 3.43
N CYS A 56 4.11 -20.43 2.98
CA CYS A 56 4.88 -21.48 3.62
C CYS A 56 5.80 -22.07 2.55
N GLU A 57 6.84 -22.74 2.97
CA GLU A 57 7.69 -23.39 2.02
C GLU A 57 7.60 -24.89 2.20
N LEU A 58 7.92 -25.60 1.15
CA LEU A 58 8.12 -27.04 1.23
C LEU A 58 9.43 -27.34 1.95
N ASN A 59 9.38 -28.05 3.06
CA ASN A 59 10.65 -28.44 3.66
C ASN A 59 11.30 -29.53 2.80
N ALA A 60 12.46 -30.02 3.25
CA ALA A 60 13.23 -30.96 2.43
C ALA A 60 12.46 -32.25 2.17
N ILE A 61 11.85 -32.82 3.23
CA ILE A 61 11.07 -34.05 3.09
C ILE A 61 9.91 -33.84 2.12
N GLN A 62 9.21 -32.71 2.25
CA GLN A 62 8.09 -32.42 1.35
C GLN A 62 8.56 -32.24 -0.08
N LYS A 63 9.69 -31.55 -0.27
CA LYS A 63 10.21 -31.33 -1.63
C LYS A 63 10.45 -32.66 -2.33
N LYS A 64 11.04 -33.63 -1.62
CA LYS A 64 11.28 -34.95 -2.21
C LYS A 64 9.97 -35.62 -2.63
N ILE A 65 8.98 -35.61 -1.74
CA ILE A 65 7.68 -36.21 -2.03
C ILE A 65 7.00 -35.48 -3.19
N TYR A 66 6.99 -34.15 -3.16
CA TYR A 66 6.36 -33.37 -4.22
C TYR A 66 7.02 -33.66 -5.58
N ASP A 67 8.35 -33.70 -5.62
CA ASP A 67 9.06 -33.93 -6.86
C ASP A 67 8.75 -35.30 -7.44
N LYS A 68 8.63 -36.32 -6.58
CA LYS A 68 8.21 -37.66 -7.02
C LYS A 68 6.85 -37.61 -7.70
N GLU A 69 5.89 -36.92 -7.07
CA GLU A 69 4.56 -36.80 -7.67
C GLU A 69 4.60 -36.04 -8.98
N ILE A 70 5.43 -34.99 -9.05
CA ILE A 70 5.52 -34.22 -10.29
C ILE A 70 6.12 -35.08 -11.39
N GLN A 71 7.00 -35.99 -11.06
CA GLN A 71 7.57 -36.89 -12.04
C GLN A 71 6.47 -37.81 -12.58
N ILE A 72 5.60 -38.33 -11.72
CA ILE A 72 4.49 -39.15 -12.20
C ILE A 72 3.57 -38.32 -13.08
N VAL A 73 3.32 -37.07 -12.68
CA VAL A 73 2.49 -36.16 -13.49
C VAL A 73 3.07 -36.03 -14.90
N LEU A 74 4.40 -35.91 -14.98
CA LEU A 74 5.06 -35.81 -16.29
C LEU A 74 4.89 -37.10 -17.07
N GLU A 75 5.18 -38.24 -16.44
CA GLU A 75 5.03 -39.53 -17.12
C GLU A 75 3.58 -39.77 -17.52
N HIS A 76 2.63 -39.35 -16.67
CA HIS A 76 1.21 -39.50 -16.97
C HIS A 76 0.80 -38.59 -18.12
N LYS A 77 1.24 -37.35 -18.07
CA LYS A 77 0.86 -36.39 -19.08
C LYS A 77 1.44 -36.68 -20.47
N ARG A 78 2.58 -37.31 -20.52
CA ARG A 78 3.16 -37.66 -21.80
C ARG A 78 2.46 -38.88 -22.41
N MET A 79 2.11 -39.87 -21.58
CA MET A 79 1.20 -40.92 -22.00
C MET A 79 -0.09 -40.34 -22.56
N ILE A 80 -0.75 -39.48 -21.78
CA ILE A 80 -2.04 -38.91 -22.17
C ILE A 80 -1.99 -38.22 -23.51
N LYS A 81 -0.83 -37.74 -23.92
CA LYS A 81 -0.77 -37.07 -25.22
C LYS A 81 0.09 -37.58 -26.31
N ASP A 82 0.93 -38.55 -26.01
CA ASP A 82 1.77 -39.16 -27.04
C ASP A 82 1.86 -40.68 -26.94
N GLY A 83 1.45 -41.30 -25.83
CA GLY A 83 1.60 -42.73 -25.68
C GLY A 83 2.95 -43.15 -25.16
N GLU A 84 3.79 -42.22 -24.71
CA GLU A 84 5.08 -42.67 -24.22
C GLU A 84 4.86 -43.23 -22.81
N LEU A 85 5.48 -44.37 -22.53
CA LEU A 85 5.40 -45.05 -21.26
C LEU A 85 6.78 -45.07 -20.60
N PRO A 86 6.82 -45.20 -19.29
CA PRO A 86 8.08 -45.33 -18.56
C PRO A 86 8.88 -46.62 -18.79
N LYS A 87 10.16 -46.48 -19.10
CA LYS A 87 10.91 -47.70 -19.35
C LYS A 87 11.15 -48.51 -18.09
N ASP A 88 11.08 -47.85 -16.94
CA ASP A 88 11.24 -48.51 -15.61
C ASP A 88 9.91 -49.23 -15.32
N ALA A 89 9.99 -50.48 -14.93
CA ALA A 89 8.80 -51.30 -14.76
C ALA A 89 7.85 -50.84 -13.70
N LYS A 90 8.38 -50.52 -12.53
CA LYS A 90 7.58 -50.04 -11.43
C LYS A 90 6.86 -48.74 -11.78
N GLU A 91 7.55 -47.82 -12.45
CA GLU A 91 6.96 -46.56 -12.85
C GLU A 91 5.85 -46.76 -13.90
N LYS A 92 6.05 -47.67 -14.86
CA LYS A 92 5.04 -47.89 -15.89
C LYS A 92 3.74 -48.41 -15.29
N SER A 93 3.85 -49.41 -14.42
CA SER A 93 2.63 -50.02 -13.86
C SER A 93 1.88 -49.04 -12.96
N LYS A 94 2.60 -48.10 -12.35
CA LYS A 94 1.96 -47.08 -11.51
C LYS A 94 0.91 -46.30 -12.30
N LEU A 95 1.13 -46.09 -13.59
CA LEU A 95 0.23 -45.23 -14.37
C LEU A 95 -1.15 -45.84 -14.56
N GLN A 96 -1.32 -47.14 -14.36
CA GLN A 96 -2.62 -47.77 -14.62
C GLN A 96 -3.67 -47.29 -13.63
N SER A 97 -3.26 -46.96 -12.41
CA SER A 97 -4.19 -46.47 -11.41
C SER A 97 -4.08 -44.95 -11.20
N SER A 98 -3.33 -44.26 -12.04
CA SER A 98 -3.11 -42.82 -11.94
C SER A 98 -4.07 -42.05 -12.83
N SER A 99 -4.65 -40.99 -12.28
CA SER A 99 -5.52 -40.09 -13.01
C SER A 99 -5.17 -38.66 -12.62
N SER A 100 -5.69 -37.70 -13.37
CA SER A 100 -5.50 -36.31 -13.00
C SER A 100 -6.06 -36.04 -11.61
N LYS A 101 -7.16 -36.71 -11.27
CA LYS A 101 -7.80 -36.47 -9.97
C LYS A 101 -6.88 -36.87 -8.81
N ASN A 102 -6.39 -38.11 -8.81
CA ASN A 102 -5.62 -38.51 -7.65
C ASN A 102 -4.17 -38.00 -7.68
N LEU A 103 -3.69 -37.52 -8.83
CA LEU A 103 -2.36 -36.89 -8.85
C LEU A 103 -2.43 -35.48 -8.27
N ILE A 104 -3.43 -34.71 -8.67
CA ILE A 104 -3.70 -33.41 -8.04
C ILE A 104 -3.92 -33.58 -6.54
N MET A 105 -4.59 -34.66 -6.14
CA MET A 105 -4.81 -34.89 -4.72
C MET A 105 -3.50 -35.13 -4.00
N ALA A 106 -2.62 -35.93 -4.60
CA ALA A 106 -1.31 -36.20 -3.99
C ALA A 106 -0.47 -34.93 -3.88
N LEU A 107 -0.52 -34.05 -4.90
CA LEU A 107 0.22 -32.80 -4.81
C LEU A 107 -0.32 -31.93 -3.68
N ARG A 108 -1.65 -31.89 -3.52
CA ARG A 108 -2.25 -31.12 -2.44
C ARG A 108 -1.76 -31.62 -1.09
N LYS A 109 -1.78 -32.95 -0.88
CA LYS A 109 -1.33 -33.52 0.38
C LYS A 109 0.15 -33.25 0.63
N ALA A 110 0.98 -33.34 -0.41
CA ALA A 110 2.41 -33.09 -0.22
C ALA A 110 2.68 -31.64 0.17
N SER A 111 1.85 -30.70 -0.30
CA SER A 111 1.94 -29.31 0.15
C SER A 111 1.58 -29.14 1.63
N LEU A 112 0.94 -30.12 2.25
CA LEU A 112 0.44 -30.04 3.63
C LEU A 112 1.37 -30.70 4.63
N HIS A 113 1.69 -31.99 4.44
CA HIS A 113 2.40 -32.73 5.45
C HIS A 113 2.95 -34.06 4.94
N PRO A 114 4.24 -34.34 5.17
CA PRO A 114 4.81 -35.63 4.77
C PRO A 114 4.10 -36.83 5.35
N LEU A 115 3.53 -36.72 6.54
CA LEU A 115 2.93 -37.91 7.15
C LEU A 115 1.60 -38.27 6.53
N LEU A 116 1.16 -37.56 5.49
CA LEU A 116 0.05 -37.96 4.66
C LEU A 116 0.46 -38.99 3.61
N PHE A 117 1.70 -39.45 3.68
CA PHE A 117 2.28 -40.40 2.73
C PHE A 117 2.99 -41.48 3.53
N ARG A 118 3.21 -42.61 2.88
CA ARG A 118 4.00 -43.69 3.47
C ARG A 118 5.39 -43.60 2.87
N ASN A 119 6.35 -43.11 3.66
CA ASN A 119 7.79 -43.22 3.43
C ASN A 119 8.66 -43.68 4.58
N ILE A 120 8.26 -43.34 5.81
CA ILE A 120 9.02 -43.79 6.98
C ILE A 120 8.74 -45.28 7.14
N TYR A 121 7.47 -45.66 7.04
CA TYR A 121 7.08 -47.07 7.14
C TYR A 121 7.23 -47.74 5.77
N ASN A 122 8.47 -47.89 5.34
CA ASN A 122 8.80 -48.44 4.03
C ASN A 122 8.49 -49.93 3.93
N ASP A 123 8.55 -50.45 2.70
CA ASP A 123 8.22 -51.85 2.47
C ASP A 123 8.87 -52.80 3.42
N LYS A 124 10.13 -52.54 3.76
CA LYS A 124 10.87 -53.39 4.68
C LYS A 124 10.28 -53.23 6.09
N ILE A 125 9.78 -52.05 6.37
CA ILE A 125 9.16 -51.73 7.66
C ILE A 125 7.79 -52.39 7.91
N ILE A 126 6.87 -52.37 6.94
CA ILE A 126 5.59 -52.99 7.16
C ILE A 126 5.64 -54.48 7.15
N THR A 127 6.62 -55.03 6.45
CA THR A 127 6.76 -56.47 6.40
C THR A 127 6.97 -56.94 7.81
N LYS A 128 7.85 -56.31 8.55
CA LYS A 128 8.08 -56.71 9.93
C LYS A 128 6.88 -56.42 10.82
N MET A 129 6.13 -55.35 10.53
CA MET A 129 4.95 -55.04 11.36
C MET A 129 3.82 -56.02 11.09
N SER A 130 3.73 -56.46 9.84
CA SER A 130 2.73 -57.43 9.53
C SER A 130 2.99 -58.77 10.18
N ASP A 131 4.23 -59.27 10.14
CA ASP A 131 4.53 -60.53 10.79
C ASP A 131 4.25 -60.36 12.26
N ALA A 132 4.64 -59.21 12.76
CA ALA A 132 4.52 -58.85 14.14
C ALA A 132 3.14 -58.75 14.74
N ILE A 133 2.18 -58.14 14.04
CA ILE A 133 0.84 -57.95 14.59
C ILE A 133 -0.01 -59.18 14.86
N LEU A 134 0.35 -60.31 14.28
CA LEU A 134 -0.47 -61.51 14.48
C LEU A 134 -0.62 -61.94 15.95
N ASP A 135 0.38 -61.67 16.74
CA ASP A 135 0.40 -62.07 18.11
C ASP A 135 -0.66 -61.31 18.89
N GLU A 136 -1.36 -60.38 18.25
CA GLU A 136 -2.42 -59.64 18.96
C GLU A 136 -3.67 -60.51 18.98
N PRO A 137 -4.52 -60.41 19.99
CA PRO A 137 -5.65 -61.38 19.96
C PRO A 137 -6.61 -61.26 18.80
N ALA A 138 -7.14 -60.10 18.49
CA ALA A 138 -8.00 -60.06 17.31
C ALA A 138 -7.37 -60.71 16.08
N TYR A 139 -6.09 -61.00 16.10
CA TYR A 139 -5.41 -61.57 14.94
C TYR A 139 -4.67 -62.86 15.13
N ALA A 140 -4.71 -63.45 16.32
CA ALA A 140 -3.86 -64.60 16.61
C ALA A 140 -4.28 -65.91 15.94
N GLU A 141 -5.60 -66.18 15.95
CA GLU A 141 -6.28 -67.23 15.20
C GLU A 141 -5.95 -67.27 13.70
N ASN A 142 -6.02 -66.12 13.05
CA ASN A 142 -5.63 -65.97 11.66
C ASN A 142 -5.48 -64.49 11.35
N GLY A 143 -4.32 -64.14 10.81
CA GLY A 143 -4.16 -63.02 9.93
C GLY A 143 -3.27 -63.54 8.83
N ASN A 144 -3.72 -63.50 7.59
CA ASN A 144 -2.82 -63.85 6.51
C ASN A 144 -1.76 -62.77 6.40
N LYS A 145 -0.53 -63.14 6.15
CA LYS A 145 0.46 -62.12 6.17
C LYS A 145 0.45 -61.25 4.99
N GLU A 146 0.34 -61.77 3.78
CA GLU A 146 0.27 -60.86 2.65
C GLU A 146 -1.02 -60.06 2.64
N TYR A 147 -1.95 -60.34 3.56
CA TYR A 147 -3.18 -59.57 3.68
C TYR A 147 -2.99 -58.35 4.57
N ILE A 148 -2.47 -58.55 5.79
CA ILE A 148 -2.23 -57.40 6.67
C ILE A 148 -1.19 -56.47 6.06
N LYS A 149 -0.19 -57.03 5.37
CA LYS A 149 0.85 -56.20 4.79
C LYS A 149 0.34 -55.42 3.59
N GLU A 150 -0.53 -56.04 2.79
CA GLU A 150 -1.17 -55.29 1.72
C GLU A 150 -2.03 -54.16 2.28
N ASP A 151 -2.75 -54.42 3.37
CA ASP A 151 -3.52 -53.35 4.03
C ASP A 151 -2.60 -52.22 4.48
N MET A 152 -1.49 -52.57 5.13
CA MET A 152 -0.54 -51.56 5.58
C MET A 152 0.06 -50.77 4.42
N SER A 153 0.35 -51.44 3.30
CA SER A 153 0.97 -50.74 2.17
C SER A 153 0.14 -49.59 1.65
N TYR A 154 -1.17 -49.59 1.90
CA TYR A 154 -2.04 -48.52 1.46
C TYR A 154 -2.28 -47.46 2.53
N MET A 155 -1.73 -47.63 3.72
CA MET A 155 -1.90 -46.64 4.77
C MET A 155 -0.77 -45.62 4.73
N THR A 156 -0.99 -44.49 5.39
CA THR A 156 -0.03 -43.40 5.49
C THR A 156 0.85 -43.59 6.73
N ASP A 157 1.99 -42.89 6.74
CA ASP A 157 2.85 -42.93 7.91
C ASP A 157 2.08 -42.57 9.17
N PHE A 158 1.19 -41.56 9.10
CA PHE A 158 0.50 -41.21 10.33
C PHE A 158 -0.56 -42.23 10.71
N GLU A 159 -1.23 -42.84 9.72
CA GLU A 159 -2.16 -43.91 10.06
C GLU A 159 -1.42 -45.10 10.65
N LEU A 160 -0.22 -45.39 10.13
CA LEU A 160 0.52 -46.53 10.66
C LEU A 160 1.01 -46.23 12.06
N HIS A 161 1.41 -44.98 12.32
CA HIS A 161 1.70 -44.55 13.68
C HIS A 161 0.51 -44.78 14.60
N LYS A 162 -0.70 -44.38 14.17
CA LYS A 162 -1.86 -44.61 15.03
C LYS A 162 -2.16 -46.09 15.20
N LEU A 163 -1.92 -46.91 14.17
CA LEU A 163 -2.07 -48.35 14.34
C LEU A 163 -1.13 -48.89 15.41
N CYS A 164 0.09 -48.35 15.48
CA CYS A 164 1.03 -48.78 16.51
C CYS A 164 0.61 -48.27 17.88
N CYS A 165 -0.07 -47.12 17.93
CA CYS A 165 -0.55 -46.60 19.21
C CYS A 165 -1.81 -47.29 19.70
N ASN A 166 -2.47 -48.08 18.84
CA ASN A 166 -3.68 -48.81 19.23
C ASN A 166 -3.41 -50.28 19.52
N PHE A 167 -2.30 -50.83 19.03
CA PHE A 167 -1.87 -52.19 19.35
C PHE A 167 -0.46 -52.16 19.94
N PRO A 168 -0.28 -51.51 21.09
CA PRO A 168 1.10 -51.27 21.58
C PRO A 168 1.90 -52.55 21.80
N ASN A 169 1.31 -53.56 22.44
CA ASN A 169 2.06 -54.73 22.88
C ASN A 169 2.81 -55.40 21.74
N THR A 170 2.39 -55.18 20.49
CA THR A 170 3.07 -55.77 19.35
C THR A 170 3.77 -54.75 18.47
N LEU A 171 3.36 -53.49 18.51
CA LEU A 171 3.84 -52.53 17.55
C LEU A 171 4.40 -51.24 18.15
N SER A 172 4.33 -51.07 19.47
CA SER A 172 4.75 -49.82 20.08
C SER A 172 6.19 -49.45 19.71
N LYS A 173 7.03 -50.45 19.44
CA LYS A 173 8.41 -50.15 19.06
C LYS A 173 8.51 -49.50 17.69
N TYR A 174 7.44 -49.57 16.89
CA TYR A 174 7.40 -48.93 15.59
C TYR A 174 6.73 -47.56 15.62
N GLN A 175 6.15 -47.14 16.75
CA GLN A 175 5.56 -45.82 16.88
C GLN A 175 6.57 -44.73 16.52
N LEU A 176 6.07 -43.63 15.98
CA LEU A 176 6.88 -42.44 15.82
C LEU A 176 7.11 -41.79 17.18
N HIS A 177 8.36 -41.40 17.47
CA HIS A 177 8.64 -40.75 18.75
C HIS A 177 9.75 -39.72 18.62
N ASN A 178 9.88 -39.10 17.45
CA ASN A 178 10.87 -38.08 17.22
C ASN A 178 10.23 -36.82 16.66
N ASP A 179 9.00 -36.51 17.09
CA ASP A 179 8.33 -35.26 16.71
C ASP A 179 8.21 -35.11 15.19
N GLU A 180 8.03 -36.22 14.48
CA GLU A 180 7.93 -36.17 13.02
C GLU A 180 6.70 -35.38 12.57
N TRP A 181 5.65 -35.33 13.40
CA TRP A 181 4.45 -34.56 13.07
C TRP A 181 4.72 -33.05 13.04
N MET A 182 5.82 -32.58 13.66
CA MET A 182 6.18 -31.17 13.56
C MET A 182 6.90 -30.82 12.26
N GLN A 183 7.37 -31.81 11.50
CA GLN A 183 8.25 -31.54 10.35
C GLN A 183 7.43 -31.32 9.08
N SER A 184 6.93 -30.10 8.94
CA SER A 184 6.23 -29.65 7.75
C SER A 184 6.35 -28.13 7.71
N GLY A 185 6.46 -27.58 6.49
CA GLY A 185 6.51 -26.14 6.35
C GLY A 185 5.24 -25.44 6.81
N LYS A 186 4.09 -26.11 6.66
CA LYS A 186 2.87 -25.49 7.16
C LYS A 186 2.81 -25.52 8.68
N ILE A 187 3.44 -26.50 9.31
CA ILE A 187 3.46 -26.52 10.78
C ILE A 187 4.39 -25.45 11.30
N ASP A 188 5.54 -25.26 10.64
CA ASP A 188 6.43 -24.15 10.99
C ASP A 188 5.68 -22.83 10.96
N ALA A 189 4.93 -22.58 9.89
CA ALA A 189 4.14 -21.35 9.81
C ALA A 189 3.06 -21.32 10.89
N LEU A 190 2.38 -22.45 11.12
CA LEU A 190 1.28 -22.46 12.09
C LEU A 190 1.78 -22.15 13.50
N LYS A 191 2.96 -22.68 13.85
CA LYS A 191 3.51 -22.51 15.19
C LYS A 191 3.84 -21.04 15.44
N LYS A 192 4.34 -20.35 14.42
CA LYS A 192 4.60 -18.92 14.54
C LYS A 192 3.30 -18.14 14.73
N LEU A 193 2.30 -18.42 13.89
CA LEU A 193 1.03 -17.71 13.99
C LEU A 193 0.32 -17.99 15.31
N LEU A 194 0.33 -19.25 15.77
CA LEU A 194 -0.33 -19.59 17.03
C LEU A 194 0.33 -18.88 18.21
N LYS A 195 1.66 -18.76 18.20
CA LYS A 195 2.33 -18.04 19.29
C LYS A 195 1.89 -16.58 19.35
N THR A 196 1.79 -15.93 18.20
CA THR A 196 1.28 -14.56 18.17
C THR A 196 -0.13 -14.48 18.76
N ILE A 197 -1.05 -15.34 18.29
CA ILE A 197 -2.45 -15.26 18.68
C ILE A 197 -2.62 -15.59 20.16
N ILE A 198 -1.97 -16.66 20.60
CA ILE A 198 -2.28 -17.23 21.91
C ILE A 198 -1.40 -16.64 23.00
N VAL A 199 -0.10 -16.50 22.75
CA VAL A 199 0.79 -15.97 23.77
C VAL A 199 0.79 -14.44 23.75
N ASP A 200 0.98 -13.83 22.58
CA ASP A 200 1.11 -12.37 22.52
C ASP A 200 -0.24 -11.66 22.57
N LYS A 201 -1.22 -12.14 21.82
CA LYS A 201 -2.54 -11.51 21.79
C LYS A 201 -3.49 -12.05 22.84
N GLN A 202 -3.20 -13.19 23.43
CA GLN A 202 -4.09 -13.83 24.39
C GLN A 202 -5.50 -14.04 23.85
N GLU A 203 -5.57 -14.50 22.63
CA GLU A 203 -6.85 -14.69 21.97
C GLU A 203 -7.06 -16.18 21.62
N LYS A 204 -8.25 -16.49 21.15
CA LYS A 204 -8.63 -17.83 20.70
C LYS A 204 -8.65 -17.88 19.17
N VAL A 205 -8.64 -19.09 18.64
CA VAL A 205 -8.48 -19.28 17.20
C VAL A 205 -9.23 -20.54 16.77
N LEU A 206 -9.86 -20.46 15.59
CA LEU A 206 -10.40 -21.63 14.89
C LEU A 206 -9.45 -22.06 13.78
N ILE A 207 -9.17 -23.36 13.71
CA ILE A 207 -8.35 -23.91 12.62
C ILE A 207 -9.22 -24.85 11.79
N PHE A 208 -9.32 -24.58 10.48
CA PHE A 208 -10.14 -25.37 9.57
C PHE A 208 -9.27 -26.15 8.58
N SER A 209 -9.66 -27.39 8.29
CA SER A 209 -9.02 -28.18 7.23
C SER A 209 -10.06 -28.98 6.47
N LEU A 210 -9.82 -29.16 5.17
CA LEU A 210 -10.66 -30.03 4.36
C LEU A 210 -10.33 -31.49 4.54
N PHE A 211 -9.28 -31.80 5.29
CA PHE A 211 -8.75 -33.16 5.44
C PHE A 211 -8.84 -33.57 6.89
N THR A 212 -9.63 -34.61 7.18
CA THR A 212 -9.65 -35.15 8.54
C THR A 212 -8.31 -35.72 8.93
N GLN A 213 -7.55 -36.26 7.96
CA GLN A 213 -6.19 -36.73 8.24
C GLN A 213 -5.28 -35.62 8.74
N VAL A 214 -5.45 -34.41 8.21
CA VAL A 214 -4.71 -33.27 8.73
C VAL A 214 -5.13 -32.95 10.17
N LEU A 215 -6.44 -33.00 10.46
CA LEU A 215 -6.90 -32.77 11.84
C LEU A 215 -6.27 -33.77 12.81
N ASP A 216 -6.19 -35.04 12.41
CA ASP A 216 -5.52 -36.04 13.25
C ASP A 216 -4.07 -35.66 13.52
N ILE A 217 -3.36 -35.20 12.49
CA ILE A 217 -1.96 -34.84 12.70
C ILE A 217 -1.87 -33.64 13.62
N LEU A 218 -2.76 -32.66 13.43
CA LEU A 218 -2.71 -31.44 14.23
C LEU A 218 -2.92 -31.73 15.70
N GLU A 219 -3.66 -32.80 16.04
CA GLU A 219 -3.86 -33.11 17.44
C GLU A 219 -2.52 -33.39 18.13
N MET A 220 -1.60 -34.09 17.45
CA MET A 220 -0.29 -34.33 18.04
C MET A 220 0.56 -33.07 18.04
N VAL A 221 0.47 -32.26 16.98
CA VAL A 221 1.17 -30.98 16.92
C VAL A 221 0.78 -30.10 18.12
N LEU A 222 -0.53 -29.95 18.34
CA LEU A 222 -0.98 -29.03 19.39
C LEU A 222 -0.57 -29.53 20.78
N SER A 223 -0.58 -30.86 20.98
CA SER A 223 -0.12 -31.43 22.24
C SER A 223 1.36 -31.17 22.45
N THR A 224 2.17 -31.36 21.40
CA THR A 224 3.58 -31.02 21.50
C THR A 224 3.76 -29.55 21.87
N LEU A 225 2.92 -28.66 21.34
CA LEU A 225 3.06 -27.23 21.56
C LEU A 225 2.41 -26.79 22.86
N ASP A 226 1.80 -27.73 23.60
CA ASP A 226 1.20 -27.48 24.91
C ASP A 226 0.01 -26.53 24.81
N TYR A 227 -0.73 -26.56 23.71
CA TYR A 227 -1.98 -25.81 23.57
C TYR A 227 -3.16 -26.77 23.71
N LYS A 228 -4.03 -26.51 24.67
CA LYS A 228 -5.29 -27.25 24.74
C LYS A 228 -6.17 -26.94 23.53
N PHE A 229 -6.96 -27.93 23.11
CA PHE A 229 -7.78 -27.77 21.93
C PHE A 229 -9.03 -28.62 22.07
N LEU A 230 -10.05 -28.30 21.28
CA LEU A 230 -11.22 -29.14 21.05
C LEU A 230 -11.35 -29.38 19.56
N ARG A 231 -12.17 -30.37 19.20
CA ARG A 231 -12.32 -30.75 17.81
C ARG A 231 -13.77 -31.06 17.48
N LEU A 232 -14.21 -30.64 16.29
CA LEU A 232 -15.56 -30.89 15.81
C LEU A 232 -15.50 -31.04 14.30
N ASP A 233 -15.91 -32.19 13.79
CA ASP A 233 -15.87 -32.43 12.36
C ASP A 233 -17.17 -33.10 11.94
N GLY A 234 -17.22 -33.58 10.70
CA GLY A 234 -18.43 -34.21 10.21
C GLY A 234 -18.78 -35.52 10.86
N SER A 235 -17.83 -36.15 11.56
CA SER A 235 -18.13 -37.38 12.29
C SER A 235 -18.69 -37.12 13.69
N THR A 236 -18.51 -35.91 14.24
CA THR A 236 -19.09 -35.57 15.53
C THR A 236 -20.60 -35.76 15.50
N GLN A 237 -21.11 -36.55 16.45
CA GLN A 237 -22.56 -36.69 16.64
C GLN A 237 -23.19 -35.31 16.82
N VAL A 238 -24.30 -35.07 16.11
CA VAL A 238 -24.94 -33.76 16.11
C VAL A 238 -25.25 -33.30 17.52
N ASN A 239 -25.77 -34.20 18.37
CA ASN A 239 -26.09 -33.81 19.73
C ASN A 239 -24.83 -33.45 20.51
N ASP A 240 -23.72 -34.16 20.27
CA ASP A 240 -22.47 -33.93 20.99
C ASP A 240 -21.80 -32.61 20.65
N ARG A 241 -22.27 -31.89 19.63
CA ARG A 241 -21.64 -30.63 19.27
C ARG A 241 -21.69 -29.62 20.40
N GLN A 242 -22.81 -29.58 21.14
CA GLN A 242 -23.04 -28.51 22.10
C GLN A 242 -22.04 -28.58 23.26
N LEU A 243 -21.79 -29.78 23.79
CA LEU A 243 -20.83 -29.89 24.90
C LEU A 243 -19.47 -29.34 24.49
N LEU A 244 -19.05 -29.60 23.26
CA LEU A 244 -17.75 -29.12 22.78
C LEU A 244 -17.76 -27.60 22.70
N ILE A 245 -18.79 -27.05 22.08
CA ILE A 245 -18.92 -25.61 21.92
C ILE A 245 -18.95 -24.91 23.27
N ASP A 246 -19.82 -25.39 24.16
CA ASP A 246 -19.92 -24.79 25.49
C ASP A 246 -18.57 -24.85 26.15
N LYS A 247 -17.88 -25.97 26.05
CA LYS A 247 -16.58 -25.99 26.70
C LYS A 247 -15.66 -24.88 26.17
N PHE A 248 -15.75 -24.62 24.87
CA PHE A 248 -14.91 -23.61 24.24
C PHE A 248 -15.22 -22.23 24.80
N TYR A 249 -16.50 -21.96 25.02
CA TYR A 249 -16.92 -20.67 25.56
C TYR A 249 -16.57 -20.52 27.03
N GLU A 250 -16.65 -21.61 27.80
CA GLU A 250 -16.57 -21.52 29.26
C GLU A 250 -15.13 -21.50 29.76
N ASP A 251 -14.24 -22.22 29.06
CA ASP A 251 -12.86 -22.44 29.52
C ASP A 251 -11.92 -21.48 28.81
N LYS A 252 -11.48 -20.43 29.50
CA LYS A 252 -10.58 -19.48 28.87
CA LYS A 252 -10.56 -19.46 28.92
C LYS A 252 -9.20 -20.05 28.61
N ASP A 253 -8.87 -21.21 29.18
CA ASP A 253 -7.57 -21.84 28.97
C ASP A 253 -7.55 -22.82 27.81
N ILE A 254 -8.60 -22.86 26.99
CA ILE A 254 -8.60 -23.68 25.77
C ILE A 254 -8.55 -22.73 24.58
N PRO A 255 -7.37 -22.50 23.99
CA PRO A 255 -7.27 -21.44 22.99
C PRO A 255 -7.74 -21.85 21.60
N ILE A 256 -7.86 -23.15 21.31
CA ILE A 256 -7.93 -23.64 19.94
C ILE A 256 -9.13 -24.57 19.76
N PHE A 257 -9.87 -24.35 18.68
CA PHE A 257 -10.91 -25.25 18.18
C PHE A 257 -10.50 -25.66 16.77
N ILE A 258 -10.31 -26.97 16.53
CA ILE A 258 -9.99 -27.45 15.20
C ILE A 258 -11.24 -28.10 14.61
N LEU A 259 -11.53 -27.78 13.34
CA LEU A 259 -12.79 -28.16 12.70
C LEU A 259 -12.54 -28.53 11.24
N SER A 260 -13.43 -29.36 10.71
N SER A 260 -13.43 -29.36 10.71
CA SER A 260 -13.47 -29.52 9.25
CA SER A 260 -13.51 -29.52 9.27
C SER A 260 -14.10 -28.29 8.63
C SER A 260 -14.09 -28.24 8.65
N THR A 261 -13.62 -27.92 7.44
CA THR A 261 -14.17 -26.77 6.74
C THR A 261 -15.67 -26.92 6.51
N LYS A 262 -16.15 -28.16 6.33
CA LYS A 262 -17.57 -28.41 6.19
C LYS A 262 -18.35 -28.04 7.45
N ALA A 263 -17.70 -27.99 8.63
CA ALA A 263 -18.42 -27.47 9.80
C ALA A 263 -18.82 -26.03 9.61
N GLY A 264 -18.17 -25.30 8.69
CA GLY A 264 -18.65 -23.99 8.31
C GLY A 264 -20.11 -23.98 7.93
N GLY A 265 -20.63 -25.13 7.49
CA GLY A 265 -22.03 -25.27 7.12
C GLY A 265 -22.98 -25.75 8.19
N PHE A 266 -22.51 -26.00 9.42
CA PHE A 266 -23.36 -26.55 10.48
C PHE A 266 -24.16 -25.50 11.23
N GLY A 267 -24.05 -24.23 10.85
CA GLY A 267 -24.73 -23.16 11.58
C GLY A 267 -24.33 -23.01 13.04
N ILE A 268 -23.07 -23.30 13.37
CA ILE A 268 -22.59 -23.17 14.74
C ILE A 268 -22.03 -21.77 14.92
N ASN A 269 -22.05 -21.31 16.18
CA ASN A 269 -21.68 -19.94 16.54
C ASN A 269 -20.47 -19.98 17.46
N LEU A 270 -19.33 -19.46 16.98
CA LEU A 270 -18.07 -19.52 17.73
C LEU A 270 -17.47 -18.14 17.90
N VAL A 271 -18.27 -17.15 18.32
CA VAL A 271 -17.78 -15.78 18.39
C VAL A 271 -16.81 -15.55 19.53
N CYS A 272 -16.59 -16.56 20.38
CA CYS A 272 -15.57 -16.38 21.41
C CYS A 272 -14.15 -16.44 20.85
N ALA A 273 -13.98 -16.80 19.58
CA ALA A 273 -12.71 -16.67 18.89
C ALA A 273 -12.80 -15.52 17.89
N ASN A 274 -11.70 -14.76 17.73
CA ASN A 274 -11.66 -13.73 16.69
C ASN A 274 -10.51 -13.94 15.72
N ASN A 275 -9.96 -15.16 15.66
CA ASN A 275 -8.94 -15.53 14.69
C ASN A 275 -9.34 -16.82 14.01
N VAL A 276 -9.03 -16.92 12.72
CA VAL A 276 -9.37 -18.08 11.91
C VAL A 276 -8.15 -18.41 11.06
N ILE A 277 -7.71 -19.66 11.10
CA ILE A 277 -6.62 -20.15 10.27
C ILE A 277 -7.20 -21.19 9.33
N ILE A 278 -7.08 -20.94 8.03
CA ILE A 278 -7.49 -21.88 6.99
C ILE A 278 -6.23 -22.69 6.68
N PHE A 279 -6.17 -23.93 7.19
CA PHE A 279 -4.93 -24.67 7.03
C PHE A 279 -4.71 -25.05 5.57
N ASP A 280 -5.79 -25.25 4.82
CA ASP A 280 -5.70 -25.60 3.41
C ASP A 280 -6.98 -25.08 2.75
N GLN A 281 -6.83 -24.38 1.64
CA GLN A 281 -8.00 -23.70 1.14
C GLN A 281 -8.88 -24.63 0.33
N SER A 282 -10.13 -24.24 0.19
CA SER A 282 -11.09 -24.91 -0.67
C SER A 282 -11.05 -24.31 -2.07
N PHE A 283 -11.35 -25.14 -3.07
CA PHE A 283 -11.47 -24.62 -4.43
C PHE A 283 -12.71 -23.77 -4.61
N ASN A 284 -13.69 -23.89 -3.70
CA ASN A 284 -14.84 -23.00 -3.68
C ASN A 284 -14.69 -22.01 -2.53
N PRO A 285 -14.41 -20.73 -2.81
CA PRO A 285 -14.21 -19.75 -1.72
C PRO A 285 -15.40 -19.61 -0.80
N HIS A 286 -16.61 -19.97 -1.23
CA HIS A 286 -17.78 -19.87 -0.35
C HIS A 286 -17.61 -20.73 0.89
N ASP A 287 -16.94 -21.88 0.75
CA ASP A 287 -16.71 -22.76 1.89
C ASP A 287 -15.82 -22.12 2.93
N ASP A 288 -14.74 -21.46 2.51
CA ASP A 288 -13.83 -20.83 3.46
C ASP A 288 -14.41 -19.55 4.06
N ARG A 289 -15.36 -18.95 3.36
CA ARG A 289 -16.05 -17.79 3.87
C ARG A 289 -17.03 -18.28 4.93
N GLN A 290 -17.74 -19.34 4.64
CA GLN A 290 -18.67 -19.95 5.60
C GLN A 290 -17.94 -20.37 6.88
N ALA A 291 -16.76 -20.97 6.74
CA ALA A 291 -15.94 -21.32 7.89
C ALA A 291 -15.56 -20.08 8.70
N ALA A 292 -15.05 -19.05 8.03
CA ALA A 292 -14.67 -17.83 8.73
C ALA A 292 -15.86 -17.19 9.43
N ASP A 293 -17.06 -17.29 8.86
CA ASP A 293 -18.25 -16.73 9.48
C ASP A 293 -18.74 -17.51 10.70
N ARG A 294 -18.10 -18.61 11.11
CA ARG A 294 -18.38 -19.16 12.43
C ARG A 294 -17.95 -18.19 13.52
N ALA A 295 -16.91 -17.41 13.25
CA ALA A 295 -16.40 -16.36 14.13
C ALA A 295 -16.92 -14.98 13.76
N HIS A 296 -16.98 -14.68 12.45
CA HIS A 296 -17.39 -13.36 11.97
C HIS A 296 -18.89 -13.40 11.73
N ARG A 297 -19.66 -13.12 12.78
CA ARG A 297 -21.10 -13.20 12.72
C ARG A 297 -21.67 -12.38 13.87
N VAL A 298 -23.00 -12.24 13.85
CA VAL A 298 -23.69 -11.44 14.86
C VAL A 298 -23.36 -11.97 16.24
N GLY A 299 -23.00 -11.08 17.15
CA GLY A 299 -22.54 -11.44 18.47
C GLY A 299 -21.06 -11.24 18.66
N GLN A 300 -20.29 -11.22 17.57
CA GLN A 300 -18.86 -10.99 17.64
C GLN A 300 -18.58 -9.55 18.01
N THR A 301 -17.70 -9.35 18.99
CA THR A 301 -17.40 -8.01 19.46
C THR A 301 -16.03 -7.51 19.01
N LYS A 302 -15.20 -8.36 18.42
CA LYS A 302 -13.88 -7.94 17.99
C LYS A 302 -13.76 -8.09 16.48
N GLU A 303 -12.76 -7.42 15.91
CA GLU A 303 -12.42 -7.65 14.51
C GLU A 303 -11.88 -9.07 14.37
N VAL A 304 -12.26 -9.75 13.29
CA VAL A 304 -11.86 -11.14 13.05
C VAL A 304 -10.77 -11.17 12.01
N ASN A 305 -9.66 -11.83 12.32
CA ASN A 305 -8.52 -11.93 11.41
C ASN A 305 -8.44 -13.37 10.90
N ILE A 306 -8.40 -13.50 9.57
CA ILE A 306 -8.45 -14.80 8.91
C ILE A 306 -7.17 -14.96 8.09
N THR A 307 -6.46 -16.06 8.29
CA THR A 307 -5.20 -16.31 7.61
C THR A 307 -5.26 -17.65 6.90
N THR A 308 -4.99 -17.65 5.59
CA THR A 308 -4.92 -18.87 4.80
C THR A 308 -3.47 -19.23 4.56
N LEU A 309 -3.09 -20.46 4.92
CA LEU A 309 -1.74 -20.95 4.73
C LEU A 309 -1.59 -21.47 3.31
N ILE A 310 -0.56 -20.99 2.61
CA ILE A 310 -0.34 -21.33 1.20
C ILE A 310 1.11 -21.70 1.02
N THR A 311 1.37 -22.94 0.59
CA THR A 311 2.72 -23.37 0.29
C THR A 311 3.17 -22.79 -1.06
N LYS A 312 4.28 -22.07 -1.05
CA LYS A 312 4.84 -21.47 -2.25
C LYS A 312 5.44 -22.54 -3.14
N ASP A 313 5.40 -22.29 -4.46
CA ASP A 313 5.96 -23.21 -5.45
C ASP A 313 5.23 -24.54 -5.41
N SER A 314 3.90 -24.47 -5.27
CA SER A 314 3.09 -25.66 -5.11
C SER A 314 1.74 -25.43 -5.78
N ILE A 315 1.02 -26.53 -5.96
CA ILE A 315 -0.32 -26.51 -6.53
C ILE A 315 -1.27 -25.58 -5.76
N GLU A 316 -0.97 -25.30 -4.49
CA GLU A 316 -1.85 -24.43 -3.71
C GLU A 316 -1.88 -23.02 -4.29
N GLU A 317 -0.76 -22.57 -4.88
CA GLU A 317 -0.77 -21.30 -5.59
C GLU A 317 -1.74 -21.33 -6.77
N LYS A 318 -1.74 -22.43 -7.55
CA LYS A 318 -2.67 -22.55 -8.67
C LYS A 318 -4.11 -22.59 -8.18
N ILE A 319 -4.36 -23.29 -7.07
CA ILE A 319 -5.72 -23.35 -6.55
C ILE A 319 -6.18 -21.98 -6.06
N HIS A 320 -5.28 -21.22 -5.43
CA HIS A 320 -5.64 -19.87 -5.00
C HIS A 320 -6.01 -18.97 -6.19
N GLN A 321 -5.27 -19.09 -7.30
CA GLN A 321 -5.52 -18.25 -8.47
C GLN A 321 -6.85 -18.57 -9.13
N LEU A 322 -7.19 -19.86 -9.23
CA LEU A 322 -8.28 -20.32 -10.08
C LEU A 322 -9.56 -20.64 -9.31
N ALA A 323 -9.53 -20.57 -7.98
CA ALA A 323 -10.71 -20.90 -7.20
C ALA A 323 -11.89 -20.03 -7.60
N LYS A 324 -13.05 -20.64 -7.73
CA LYS A 324 -14.20 -19.87 -8.12
C LYS A 324 -15.38 -19.92 -7.18
N ASN A 325 -15.81 -18.71 -6.89
CA ASN A 325 -16.89 -18.48 -5.93
C ASN A 325 -18.24 -18.86 -6.53
N LYS A 326 -18.97 -19.75 -5.87
CA LYS A 326 -20.22 -20.34 -6.37
C LYS A 326 -21.05 -20.86 -5.21
N LEU A 327 -22.36 -21.01 -5.45
CA LEU A 327 -23.23 -21.72 -4.52
C LEU A 327 -23.52 -23.13 -5.03
N ALA A 328 -23.64 -24.07 -4.10
CA ALA A 328 -23.89 -25.47 -4.41
C ALA A 328 -25.35 -25.72 -4.79
N LEU A 329 -25.57 -26.80 -5.54
CA LEU A 329 -26.90 -27.19 -5.94
C LEU A 329 -27.57 -28.13 -4.93
N ASP A 330 -26.78 -28.91 -4.19
CA ASP A 330 -27.31 -29.78 -3.14
C ASP A 330 -27.46 -29.05 -1.81
N SER A 331 -27.47 -27.71 -1.82
CA SER A 331 -27.65 -26.92 -0.59
C SER A 331 -28.92 -27.33 0.14
N TYR A 332 -29.93 -27.81 -0.58
CA TYR A 332 -31.18 -28.21 0.03
C TYR A 332 -31.10 -29.55 0.77
N ILE A 333 -29.93 -30.19 0.81
CA ILE A 333 -29.78 -31.52 1.39
C ILE A 333 -29.02 -31.43 2.71
N SER A 334 -29.32 -32.38 3.60
CA SER A 334 -28.61 -32.56 4.87
C SER A 334 -27.12 -32.83 4.68
N ASP A 341 -11.41 -34.26 0.13
CA ASP A 341 -11.98 -33.36 -0.88
C ASP A 341 -11.46 -33.68 -2.28
N VAL A 342 -12.31 -34.28 -3.12
CA VAL A 342 -11.93 -34.65 -4.48
C VAL A 342 -12.50 -33.61 -5.45
N LEU A 343 -11.63 -33.07 -6.31
CA LEU A 343 -12.08 -32.09 -7.28
C LEU A 343 -12.62 -32.84 -8.52
N GLU A 344 -13.53 -32.25 -9.25
CA GLU A 344 -14.12 -32.82 -10.42
C GLU A 344 -13.14 -32.98 -11.57
N SER A 345 -13.47 -33.86 -12.49
CA SER A 345 -12.58 -34.21 -13.55
C SER A 345 -12.09 -33.10 -14.45
N LYS A 346 -12.96 -32.17 -14.80
CA LYS A 346 -12.56 -31.08 -15.61
C LYS A 346 -11.56 -30.18 -14.89
N VAL A 347 -11.81 -29.91 -13.62
CA VAL A 347 -10.93 -29.09 -12.84
C VAL A 347 -9.58 -29.76 -12.64
N SER A 348 -9.61 -31.05 -12.35
CA SER A 348 -8.39 -31.78 -12.15
C SER A 348 -7.57 -31.78 -13.45
N ASP A 349 -8.25 -31.96 -14.59
CA ASP A 349 -7.57 -31.93 -15.89
C ASP A 349 -6.92 -30.57 -16.10
N MET A 350 -7.64 -29.48 -15.81
CA MET A 350 -7.09 -28.14 -15.99
C MET A 350 -5.88 -27.88 -15.08
N LEU A 351 -5.97 -28.30 -13.81
CA LEU A 351 -4.83 -28.12 -12.92
C LEU A 351 -3.63 -28.93 -13.37
N GLU A 352 -3.86 -30.17 -13.84
CA GLU A 352 -2.74 -30.97 -14.32
C GLU A 352 -2.10 -30.33 -15.55
N ASP A 353 -2.90 -29.77 -16.42
CA ASP A 353 -2.35 -29.13 -17.59
C ASP A 353 -1.48 -27.93 -17.20
N ILE A 354 -1.97 -27.06 -16.34
CA ILE A 354 -1.25 -25.87 -15.91
C ILE A 354 0.09 -26.25 -15.30
N ILE A 355 0.08 -27.23 -14.41
CA ILE A 355 1.32 -27.71 -13.80
C ILE A 355 2.27 -28.22 -14.87
N TYR A 356 1.75 -28.94 -15.86
CA TYR A 356 2.59 -29.49 -16.91
C TYR A 356 3.17 -28.40 -17.81
N ASP A 357 2.34 -27.43 -18.19
CA ASP A 357 2.80 -26.37 -19.08
C ASP A 357 3.86 -25.49 -18.42
N GLU A 358 3.72 -25.24 -17.12
CA GLU A 358 4.67 -24.39 -16.41
C GLU A 358 5.97 -25.12 -16.06
N LEU A 359 6.04 -26.40 -16.34
CA LEU A 359 7.30 -27.10 -16.16
C LEU A 359 8.02 -27.16 -17.49
N GLU A 360 7.38 -27.78 -18.48
CA GLU A 360 7.93 -27.97 -19.82
C GLU A 360 7.07 -27.32 -20.89
N HIS B 45 -18.26 -2.33 59.40
CA HIS B 45 -17.97 -3.08 58.17
C HIS B 45 -18.59 -2.40 56.95
N LEU B 46 -17.76 -2.11 55.93
CA LEU B 46 -18.27 -1.53 54.70
C LEU B 46 -18.76 -2.62 53.75
N PRO B 47 -19.75 -2.32 52.91
CA PRO B 47 -20.06 -3.25 51.82
C PRO B 47 -18.84 -3.43 50.93
N PRO B 48 -18.74 -4.57 50.25
CA PRO B 48 -17.55 -4.81 49.43
C PRO B 48 -17.46 -3.85 48.26
N LYS B 49 -16.24 -3.65 47.79
CA LYS B 49 -16.03 -2.97 46.53
C LYS B 49 -15.53 -3.97 45.49
N HIS B 50 -15.78 -3.66 44.22
CA HIS B 50 -15.35 -4.50 43.11
C HIS B 50 -14.69 -3.62 42.04
N THR B 51 -13.45 -3.94 41.68
CA THR B 51 -12.74 -3.23 40.64
C THR B 51 -12.80 -4.02 39.34
N HIS B 52 -12.95 -3.29 38.24
CA HIS B 52 -13.08 -3.89 36.91
C HIS B 52 -12.19 -3.09 35.97
N ILE B 53 -11.80 -3.74 34.87
CA ILE B 53 -11.11 -3.08 33.76
C ILE B 53 -12.01 -3.21 32.53
N GLN B 54 -12.20 -2.10 31.83
CA GLN B 54 -12.97 -2.08 30.60
C GLN B 54 -12.03 -1.69 29.47
N TYR B 55 -11.79 -2.61 28.53
CA TYR B 55 -10.92 -2.30 27.40
C TYR B 55 -11.67 -1.50 26.34
N CYS B 56 -10.96 -0.56 25.73
CA CYS B 56 -11.49 0.36 24.73
C CYS B 56 -10.59 0.29 23.51
N GLU B 57 -11.16 0.54 22.33
CA GLU B 57 -10.34 0.52 21.13
C GLU B 57 -9.93 1.94 20.77
N LEU B 58 -8.77 2.06 20.11
CA LEU B 58 -8.47 3.28 19.39
C LEU B 58 -9.37 3.35 18.17
N ASN B 59 -10.12 4.44 18.01
CA ASN B 59 -10.88 4.56 16.78
C ASN B 59 -9.93 4.96 15.64
N ALA B 60 -10.48 5.14 14.44
CA ALA B 60 -9.61 5.36 13.28
C ALA B 60 -8.84 6.66 13.41
N ILE B 61 -9.51 7.71 13.87
CA ILE B 61 -8.85 9.01 14.09
C ILE B 61 -7.71 8.87 15.10
N GLN B 62 -7.99 8.24 16.25
CA GLN B 62 -6.95 8.05 17.26
C GLN B 62 -5.81 7.20 16.74
N LYS B 63 -6.12 6.17 15.95
CA LYS B 63 -5.06 5.31 15.44
C LYS B 63 -4.13 6.09 14.51
N LYS B 64 -4.68 6.99 13.73
CA LYS B 64 -3.86 7.78 12.85
C LYS B 64 -2.92 8.67 13.72
N ILE B 65 -3.45 9.31 14.75
CA ILE B 65 -2.65 10.15 15.63
C ILE B 65 -1.61 9.30 16.37
N TYR B 66 -2.05 8.16 16.91
CA TYR B 66 -1.14 7.30 17.64
C TYR B 66 0.00 6.83 16.75
N ASP B 67 -0.33 6.41 15.53
CA ASP B 67 0.69 5.94 14.59
C ASP B 67 1.68 7.05 14.25
N LYS B 68 1.21 8.29 14.08
CA LYS B 68 2.11 9.41 13.82
C LYS B 68 3.10 9.61 14.97
N GLU B 69 2.62 9.55 16.21
CA GLU B 69 3.50 9.68 17.36
C GLU B 69 4.47 8.51 17.45
N ILE B 70 4.01 7.29 17.12
CA ILE B 70 4.90 6.13 17.17
C ILE B 70 6.05 6.28 16.18
N GLN B 71 5.77 6.90 15.05
CA GLN B 71 6.82 7.10 14.05
C GLN B 71 7.91 8.01 14.61
N ILE B 72 7.53 9.08 15.32
CA ILE B 72 8.53 9.94 15.94
C ILE B 72 9.31 9.16 17.01
N VAL B 73 8.62 8.32 17.78
CA VAL B 73 9.33 7.47 18.75
C VAL B 73 10.38 6.61 18.05
N LEU B 74 10.02 6.02 16.91
CA LEU B 74 11.01 5.22 16.19
C LEU B 74 12.18 6.12 15.75
N GLU B 75 11.92 7.29 15.18
CA GLU B 75 13.02 8.15 14.78
C GLU B 75 13.84 8.60 15.98
N HIS B 76 13.15 8.93 17.08
CA HIS B 76 13.84 9.38 18.28
C HIS B 76 14.78 8.30 18.80
N LYS B 77 14.27 7.07 18.90
CA LYS B 77 15.08 5.99 19.46
C LYS B 77 16.23 5.63 18.52
N ARG B 78 16.00 5.66 17.20
CA ARG B 78 17.09 5.35 16.29
C ARG B 78 18.19 6.42 16.36
N MET B 79 17.82 7.66 16.65
CA MET B 79 18.82 8.70 16.78
C MET B 79 19.62 8.47 18.08
N ILE B 80 18.90 8.32 19.18
CA ILE B 80 19.45 8.16 20.51
C ILE B 80 20.32 6.93 20.63
N LYS B 81 19.86 5.84 20.07
CA LYS B 81 20.54 4.59 20.15
C LYS B 81 21.65 4.35 19.16
N ASP B 82 21.37 4.55 17.88
CA ASP B 82 22.34 4.25 16.86
C ASP B 82 22.92 5.43 16.16
N GLY B 83 22.54 6.63 16.55
CA GLY B 83 23.02 7.81 15.92
C GLY B 83 22.50 8.01 14.52
N GLU B 84 21.37 7.38 14.20
CA GLU B 84 20.77 7.51 12.90
C GLU B 84 19.74 8.64 12.94
N LEU B 85 19.66 9.40 11.85
CA LEU B 85 18.73 10.52 11.76
C LEU B 85 17.78 10.43 10.61
N PRO B 86 16.66 11.13 10.76
CA PRO B 86 15.68 11.11 9.70
C PRO B 86 16.32 11.90 8.52
N LYS B 87 15.85 11.62 7.31
CA LYS B 87 16.28 12.25 6.10
C LYS B 87 15.95 13.71 5.99
N ASP B 88 14.73 14.03 6.36
CA ASP B 88 14.21 15.39 6.22
C ASP B 88 14.58 16.41 7.31
N ALA B 89 14.74 17.66 6.90
CA ALA B 89 15.03 18.70 7.84
C ALA B 89 13.87 18.95 8.79
N LYS B 90 12.64 18.85 8.30
CA LYS B 90 11.52 19.09 9.19
C LYS B 90 11.43 18.03 10.28
N GLU B 91 11.73 16.77 9.93
CA GLU B 91 11.71 15.71 10.93
C GLU B 91 12.87 15.83 11.90
N LYS B 92 14.04 16.27 11.42
CA LYS B 92 15.19 16.46 12.31
C LYS B 92 14.98 17.63 13.26
N SER B 93 14.18 18.63 12.85
CA SER B 93 13.87 19.74 13.76
C SER B 93 12.77 19.38 14.73
N LYS B 94 11.79 18.57 14.30
CA LYS B 94 10.84 18.02 15.25
C LYS B 94 11.54 17.27 16.38
N LEU B 95 12.61 16.56 16.07
CA LEU B 95 13.33 15.79 17.10
C LEU B 95 14.03 16.70 18.11
N GLN B 96 14.36 17.92 17.73
CA GLN B 96 15.06 18.83 18.63
C GLN B 96 14.24 19.17 19.87
N SER B 97 12.91 19.25 19.73
CA SER B 97 12.02 19.49 20.87
C SER B 97 11.37 18.22 21.40
N SER B 98 11.78 17.04 20.92
CA SER B 98 11.22 15.78 21.36
C SER B 98 12.06 15.17 22.47
N SER B 99 11.39 14.50 23.41
CA SER B 99 12.05 13.75 24.47
C SER B 99 11.19 12.52 24.78
N SER B 100 11.78 11.55 25.47
CA SER B 100 10.98 10.44 25.96
C SER B 100 9.77 10.95 26.76
N LYS B 101 9.93 12.05 27.48
CA LYS B 101 8.87 12.52 28.36
C LYS B 101 7.67 13.04 27.57
N ASN B 102 7.89 13.92 26.58
CA ASN B 102 6.74 14.45 25.87
C ASN B 102 6.26 13.51 24.76
N LEU B 103 7.07 12.56 24.32
CA LEU B 103 6.55 11.53 23.42
C LEU B 103 5.62 10.57 24.15
N ILE B 104 6.01 10.12 25.34
CA ILE B 104 5.13 9.27 26.15
C ILE B 104 3.86 10.03 26.52
N MET B 105 3.97 11.33 26.80
CA MET B 105 2.77 12.11 27.08
C MET B 105 1.85 12.14 25.87
N ALA B 106 2.41 12.31 24.67
CA ALA B 106 1.59 12.35 23.46
C ALA B 106 0.87 11.02 23.21
N LEU B 107 1.55 9.90 23.44
CA LEU B 107 0.88 8.61 23.27
C LEU B 107 -0.26 8.45 24.27
N ARG B 108 -0.04 8.88 25.51
CA ARG B 108 -1.11 8.82 26.51
C ARG B 108 -2.32 9.62 26.04
N LYS B 109 -2.09 10.81 25.47
CA LYS B 109 -3.21 11.65 25.08
C LYS B 109 -3.92 11.09 23.86
N ALA B 110 -3.17 10.47 22.94
CA ALA B 110 -3.80 9.83 21.79
C ALA B 110 -4.65 8.63 22.19
N SER B 111 -4.33 7.98 23.31
CA SER B 111 -5.15 6.90 23.82
C SER B 111 -6.44 7.40 24.48
N LEU B 112 -6.59 8.71 24.68
CA LEU B 112 -7.75 9.28 25.38
C LEU B 112 -8.75 9.94 24.43
N HIS B 113 -8.28 10.88 23.60
CA HIS B 113 -9.20 11.67 22.78
C HIS B 113 -8.47 12.41 21.66
N PRO B 114 -8.97 12.35 20.41
CA PRO B 114 -8.34 13.12 19.33
C PRO B 114 -8.31 14.62 19.56
N LEU B 115 -9.29 15.19 20.26
CA LEU B 115 -9.33 16.65 20.39
C LEU B 115 -8.31 17.20 21.39
N LEU B 116 -7.49 16.33 21.99
CA LEU B 116 -6.29 16.75 22.71
C LEU B 116 -5.16 17.13 21.77
N PHE B 117 -5.39 17.10 20.46
CA PHE B 117 -4.40 17.44 19.44
C PHE B 117 -5.03 18.46 18.49
N ARG B 118 -4.20 19.15 17.72
CA ARG B 118 -4.68 20.06 16.68
C ARG B 118 -4.54 19.34 15.34
N ASN B 119 -5.67 19.03 14.72
CA ASN B 119 -5.70 18.41 13.40
C ASN B 119 -6.78 19.08 12.58
N ILE B 120 -7.97 19.18 13.17
CA ILE B 120 -9.11 19.81 12.51
C ILE B 120 -8.82 21.26 12.19
N TYR B 121 -8.35 22.03 13.19
CA TYR B 121 -8.01 23.43 12.98
C TYR B 121 -6.62 23.51 12.35
N ASN B 122 -6.58 23.24 11.05
CA ASN B 122 -5.31 23.19 10.31
C ASN B 122 -4.77 24.61 10.12
N ASP B 123 -3.60 24.71 9.49
CA ASP B 123 -2.92 26.01 9.41
C ASP B 123 -3.71 27.02 8.58
N LYS B 124 -4.43 26.58 7.55
CA LYS B 124 -5.27 27.50 6.77
C LYS B 124 -6.37 28.07 7.64
N ILE B 125 -6.97 27.25 8.50
CA ILE B 125 -8.10 27.70 9.31
C ILE B 125 -7.65 28.63 10.41
N ILE B 126 -6.53 28.32 11.09
CA ILE B 126 -6.10 29.23 12.15
C ILE B 126 -5.58 30.53 11.55
N THR B 127 -5.02 30.49 10.34
CA THR B 127 -4.71 31.76 9.68
C THR B 127 -5.95 32.66 9.59
N LYS B 128 -7.06 32.12 9.09
CA LYS B 128 -8.30 32.90 9.00
C LYS B 128 -8.84 33.30 10.36
N MET B 129 -8.68 32.45 11.37
CA MET B 129 -9.21 32.82 12.68
C MET B 129 -8.42 33.97 13.28
N SER B 130 -7.10 33.97 13.09
CA SER B 130 -6.25 35.00 13.67
C SER B 130 -6.54 36.35 13.03
N ASP B 131 -7.01 36.36 11.78
CA ASP B 131 -7.46 37.62 11.19
C ASP B 131 -8.82 38.01 11.70
N ALA B 132 -9.77 37.07 11.76
CA ALA B 132 -11.14 37.42 12.18
C ALA B 132 -11.20 37.90 13.62
N ILE B 133 -10.34 37.38 14.50
CA ILE B 133 -10.46 37.73 15.90
C ILE B 133 -10.03 39.17 16.16
N LEU B 134 -9.25 39.76 15.24
CA LEU B 134 -8.83 41.14 15.39
C LEU B 134 -10.00 42.11 15.57
N ASP B 135 -11.20 41.76 15.11
CA ASP B 135 -12.32 42.67 15.26
C ASP B 135 -12.93 42.62 16.65
N GLU B 136 -12.49 41.70 17.50
CA GLU B 136 -12.95 41.70 18.88
C GLU B 136 -12.38 42.91 19.61
N PRO B 137 -13.17 43.54 20.50
CA PRO B 137 -12.69 44.76 21.17
C PRO B 137 -11.33 44.60 21.83
N ALA B 138 -11.09 43.46 22.51
CA ALA B 138 -9.82 43.25 23.19
C ALA B 138 -8.62 43.22 22.26
N TYR B 139 -8.84 42.99 20.95
CA TYR B 139 -7.74 42.89 19.99
C TYR B 139 -7.76 43.94 18.90
N ALA B 140 -8.78 44.81 18.86
CA ALA B 140 -8.95 45.73 17.74
C ALA B 140 -7.83 46.76 17.63
N GLU B 141 -7.25 47.20 18.74
CA GLU B 141 -6.23 48.25 18.69
C GLU B 141 -4.82 47.70 18.49
N ASN B 142 -4.50 46.65 19.23
CA ASN B 142 -3.15 46.18 19.43
C ASN B 142 -2.93 44.76 18.92
N GLY B 143 -3.98 44.09 18.45
CA GLY B 143 -3.83 42.71 18.05
C GLY B 143 -2.88 42.56 16.88
N ASN B 144 -2.01 41.56 16.97
CA ASN B 144 -1.06 41.21 15.93
C ASN B 144 -1.41 39.82 15.43
N LYS B 145 -1.86 39.72 14.17
CA LYS B 145 -2.44 38.46 13.73
C LYS B 145 -1.41 37.34 13.58
N GLU B 146 -0.13 37.69 13.40
CA GLU B 146 0.94 36.72 13.29
C GLU B 146 1.26 36.12 14.68
N TYR B 147 1.31 36.97 15.69
CA TYR B 147 1.47 36.49 17.06
C TYR B 147 0.26 35.67 17.49
N ILE B 148 -0.94 36.09 17.08
CA ILE B 148 -2.14 35.36 17.45
C ILE B 148 -2.18 34.00 16.74
N LYS B 149 -1.75 33.94 15.47
CA LYS B 149 -1.69 32.66 14.77
C LYS B 149 -0.70 31.72 15.44
N GLU B 150 0.44 32.24 15.86
CA GLU B 150 1.43 31.43 16.57
C GLU B 150 0.83 30.84 17.85
N ASP B 151 0.12 31.67 18.62
CA ASP B 151 -0.54 31.16 19.82
C ASP B 151 -1.55 30.07 19.49
N MET B 152 -2.34 30.25 18.43
CA MET B 152 -3.30 29.22 18.05
C MET B 152 -2.61 27.94 17.59
N SER B 153 -1.44 28.04 16.94
CA SER B 153 -0.77 26.85 16.43
C SER B 153 -0.38 25.89 17.55
N TYR B 154 -0.29 26.38 18.79
CA TYR B 154 0.02 25.55 19.94
C TYR B 154 -1.22 25.10 20.70
N MET B 155 -2.40 25.55 20.30
CA MET B 155 -3.59 25.08 20.99
C MET B 155 -4.06 23.76 20.38
N THR B 156 -4.93 23.06 21.13
CA THR B 156 -5.58 21.84 20.66
C THR B 156 -6.89 22.18 19.96
N ASP B 157 -7.43 21.19 19.25
CA ASP B 157 -8.72 21.36 18.58
C ASP B 157 -9.81 21.73 19.57
N PHE B 158 -9.83 21.08 20.74
CA PHE B 158 -10.86 21.46 21.72
C PHE B 158 -10.65 22.87 22.22
N GLU B 159 -9.42 23.25 22.54
CA GLU B 159 -9.17 24.62 23.01
C GLU B 159 -9.57 25.65 21.95
N LEU B 160 -9.32 25.34 20.68
CA LEU B 160 -9.69 26.26 19.60
C LEU B 160 -11.21 26.30 19.44
N HIS B 161 -11.88 25.16 19.60
CA HIS B 161 -13.34 25.16 19.62
C HIS B 161 -13.86 26.09 20.73
N LYS B 162 -13.30 25.96 21.94
CA LYS B 162 -13.76 26.80 23.04
C LYS B 162 -13.43 28.27 22.82
N LEU B 163 -12.32 28.56 22.14
CA LEU B 163 -12.01 29.95 21.81
C LEU B 163 -13.08 30.52 20.88
N CYS B 164 -13.51 29.75 19.89
CA CYS B 164 -14.62 30.19 19.03
C CYS B 164 -15.90 30.34 19.82
N CYS B 165 -16.11 29.49 20.83
CA CYS B 165 -17.28 29.64 21.69
C CYS B 165 -17.17 30.87 22.57
N ASN B 166 -15.95 31.26 23.00
CA ASN B 166 -15.80 32.45 23.82
C ASN B 166 -15.86 33.73 23.01
N PHE B 167 -15.52 33.69 21.73
CA PHE B 167 -15.59 34.87 20.85
C PHE B 167 -16.54 34.60 19.70
N PRO B 168 -17.81 34.30 20.00
CA PRO B 168 -18.73 33.84 18.93
C PRO B 168 -18.99 34.89 17.87
N ASN B 169 -18.85 36.17 18.21
CA ASN B 169 -19.15 37.23 17.25
C ASN B 169 -18.25 37.14 16.02
N THR B 170 -16.95 36.93 16.23
CA THR B 170 -16.02 36.85 15.09
C THR B 170 -15.66 35.41 14.70
N LEU B 171 -15.90 34.43 15.57
CA LEU B 171 -15.36 33.09 15.35
C LEU B 171 -16.41 31.99 15.35
N SER B 172 -17.70 32.31 15.47
CA SER B 172 -18.71 31.25 15.57
C SER B 172 -18.70 30.34 14.34
N LYS B 173 -18.34 30.87 13.18
CA LYS B 173 -18.38 30.03 11.98
C LYS B 173 -17.27 28.98 11.97
N TYR B 174 -16.30 29.07 12.88
CA TYR B 174 -15.21 28.09 12.95
C TYR B 174 -15.41 27.05 14.04
N GLN B 175 -16.48 27.17 14.82
CA GLN B 175 -16.78 26.20 15.89
C GLN B 175 -17.03 24.82 15.32
N LEU B 176 -16.78 23.81 16.13
CA LEU B 176 -17.18 22.45 15.78
C LEU B 176 -18.67 22.29 16.04
N HIS B 177 -19.34 21.52 15.18
CA HIS B 177 -20.76 21.31 15.38
C HIS B 177 -21.19 19.95 14.85
N ASN B 178 -20.28 18.98 14.81
CA ASN B 178 -20.62 17.63 14.38
C ASN B 178 -20.28 16.61 15.45
N ASP B 179 -20.47 17.00 16.72
CA ASP B 179 -20.27 16.12 17.87
C ASP B 179 -18.90 15.49 17.85
N GLU B 180 -17.88 16.27 17.49
CA GLU B 180 -16.53 15.71 17.41
C GLU B 180 -16.03 15.26 18.79
N TRP B 181 -16.52 15.88 19.86
CA TRP B 181 -16.14 15.47 21.20
C TRP B 181 -16.65 14.07 21.55
N MET B 182 -17.63 13.54 20.81
CA MET B 182 -18.08 12.17 21.05
C MET B 182 -17.17 11.11 20.42
N GLN B 183 -16.26 11.51 19.53
CA GLN B 183 -15.55 10.53 18.68
C GLN B 183 -14.23 10.13 19.32
N SER B 184 -14.32 9.15 20.21
CA SER B 184 -13.16 8.52 20.83
C SER B 184 -13.59 7.18 21.38
N GLY B 185 -12.70 6.19 21.29
CA GLY B 185 -13.04 4.87 21.82
C GLY B 185 -13.41 4.90 23.29
N LYS B 186 -12.75 5.76 24.07
CA LYS B 186 -13.08 5.80 25.50
C LYS B 186 -14.45 6.43 25.73
N ILE B 187 -14.88 7.34 24.86
CA ILE B 187 -16.20 7.93 25.02
C ILE B 187 -17.29 6.92 24.66
N ASP B 188 -17.07 6.10 23.62
CA ASP B 188 -17.98 5.00 23.31
C ASP B 188 -18.15 4.09 24.52
N ALA B 189 -17.04 3.72 25.16
CA ALA B 189 -17.13 2.85 26.33
C ALA B 189 -17.81 3.56 27.50
N LEU B 190 -17.47 4.84 27.70
CA LEU B 190 -18.08 5.62 28.77
C LEU B 190 -19.59 5.70 28.61
N LYS B 191 -20.01 5.98 27.40
CA LYS B 191 -21.41 6.09 27.10
C LYS B 191 -22.19 4.85 27.50
N LYS B 192 -21.66 3.70 27.13
CA LYS B 192 -22.29 2.43 27.44
C LYS B 192 -22.36 2.20 28.95
N LEU B 193 -21.26 2.46 29.65
CA LEU B 193 -21.25 2.26 31.09
C LEU B 193 -22.19 3.23 31.80
N LEU B 194 -22.23 4.49 31.36
CA LEU B 194 -23.13 5.48 31.98
C LEU B 194 -24.59 5.08 31.82
N LYS B 195 -24.96 4.51 30.68
CA LYS B 195 -26.35 4.13 30.49
C LYS B 195 -26.75 3.01 31.43
N THR B 196 -25.85 2.05 31.66
CA THR B 196 -26.09 1.01 32.66
C THR B 196 -26.27 1.60 34.05
N ILE B 197 -25.39 2.53 34.44
CA ILE B 197 -25.39 3.05 35.80
C ILE B 197 -26.60 3.96 36.01
N ILE B 198 -26.84 4.86 35.07
CA ILE B 198 -27.82 5.93 35.27
C ILE B 198 -29.22 5.52 34.83
N VAL B 199 -29.36 4.87 33.68
CA VAL B 199 -30.68 4.48 33.18
C VAL B 199 -31.13 3.16 33.78
N ASP B 200 -30.28 2.14 33.75
CA ASP B 200 -30.67 0.86 34.24
C ASP B 200 -30.63 0.73 35.76
N LYS B 201 -29.48 0.97 36.35
CA LYS B 201 -29.36 0.86 37.80
C LYS B 201 -29.91 2.06 38.55
N GLN B 202 -30.07 3.21 37.86
CA GLN B 202 -30.53 4.47 38.48
C GLN B 202 -29.66 4.91 39.65
N GLU B 203 -28.34 4.89 39.44
CA GLU B 203 -27.40 5.20 40.50
C GLU B 203 -26.56 6.42 40.11
N LYS B 204 -25.73 6.88 41.04
CA LYS B 204 -24.84 8.01 40.79
C LYS B 204 -23.42 7.50 40.58
N VAL B 205 -22.60 8.31 39.92
CA VAL B 205 -21.28 7.85 39.51
C VAL B 205 -20.27 9.00 39.60
N LEU B 206 -19.06 8.67 40.03
CA LEU B 206 -17.91 9.58 40.01
C LEU B 206 -17.01 9.23 38.84
N ILE B 207 -16.55 10.24 38.10
CA ILE B 207 -15.63 10.03 36.99
C ILE B 207 -14.36 10.82 37.29
N PHE B 208 -13.20 10.13 37.28
CA PHE B 208 -11.92 10.73 37.62
C PHE B 208 -10.99 10.74 36.41
N SER B 209 -10.23 11.83 36.28
CA SER B 209 -9.20 11.91 35.26
C SER B 209 -7.99 12.68 35.79
N LEU B 210 -6.81 12.27 35.35
CA LEU B 210 -5.59 13.03 35.65
C LEU B 210 -5.37 14.20 34.71
N PHE B 211 -6.21 14.39 33.70
CA PHE B 211 -6.05 15.46 32.72
C PHE B 211 -7.21 16.43 32.86
N THR B 212 -6.92 17.67 33.24
CA THR B 212 -8.01 18.65 33.25
C THR B 212 -8.56 18.88 31.84
N GLN B 213 -7.76 18.65 30.79
CA GLN B 213 -8.26 18.81 29.43
C GLN B 213 -9.30 17.75 29.07
N VAL B 214 -9.17 16.55 29.67
CA VAL B 214 -10.20 15.53 29.50
C VAL B 214 -11.47 15.95 30.21
N LEU B 215 -11.37 16.49 31.43
CA LEU B 215 -12.56 16.97 32.13
C LEU B 215 -13.30 18.02 31.28
N ASP B 216 -12.57 18.94 30.65
CA ASP B 216 -13.19 19.94 29.78
C ASP B 216 -13.95 19.30 28.63
N ILE B 217 -13.36 18.29 27.99
CA ILE B 217 -14.04 17.61 26.89
C ILE B 217 -15.27 16.88 27.41
N LEU B 218 -15.17 16.25 28.59
CA LEU B 218 -16.29 15.48 29.14
C LEU B 218 -17.50 16.35 29.42
N GLU B 219 -17.28 17.62 29.77
CA GLU B 219 -18.41 18.51 29.99
C GLU B 219 -19.30 18.57 28.75
N MET B 220 -18.70 18.64 27.55
CA MET B 220 -19.49 18.67 26.33
C MET B 220 -20.11 17.30 26.02
N VAL B 221 -19.36 16.23 26.29
CA VAL B 221 -19.89 14.87 26.14
C VAL B 221 -21.15 14.70 26.99
N LEU B 222 -21.08 15.06 28.29
CA LEU B 222 -22.21 14.79 29.18
C LEU B 222 -23.42 15.64 28.78
N SER B 223 -23.18 16.87 28.36
CA SER B 223 -24.28 17.72 27.88
C SER B 223 -24.95 17.10 26.66
N THR B 224 -24.15 16.53 25.75
CA THR B 224 -24.74 15.87 24.58
C THR B 224 -25.61 14.68 25.00
N LEU B 225 -25.18 13.93 26.01
CA LEU B 225 -25.92 12.76 26.48
C LEU B 225 -27.06 13.11 27.43
N ASP B 226 -27.22 14.40 27.73
CA ASP B 226 -28.27 14.91 28.62
C ASP B 226 -28.15 14.36 30.04
N TYR B 227 -26.92 14.22 30.52
CA TYR B 227 -26.64 13.91 31.92
C TYR B 227 -26.14 15.16 32.62
N LYS B 228 -26.86 15.61 33.64
CA LYS B 228 -26.36 16.70 34.48
C LYS B 228 -25.18 16.24 35.32
N PHE B 229 -24.26 17.16 35.56
CA PHE B 229 -23.04 16.82 36.28
C PHE B 229 -22.58 18.01 37.09
N LEU B 230 -21.68 17.73 38.02
CA LEU B 230 -20.93 18.75 38.73
C LEU B 230 -19.46 18.42 38.57
N ARG B 231 -18.60 19.41 38.81
CA ARG B 231 -17.17 19.25 38.62
C ARG B 231 -16.42 19.79 39.82
N LEU B 232 -15.37 19.08 40.22
CA LEU B 232 -14.50 19.54 41.29
C LEU B 232 -13.08 19.12 40.96
N ASP B 233 -12.16 20.07 40.87
CA ASP B 233 -10.78 19.71 40.55
C ASP B 233 -9.83 20.57 41.41
N GLY B 234 -8.54 20.54 41.07
CA GLY B 234 -7.55 21.30 41.82
C GLY B 234 -7.74 22.82 41.78
N SER B 235 -8.47 23.35 40.79
CA SER B 235 -8.70 24.79 40.75
C SER B 235 -9.92 25.22 41.55
N THR B 236 -10.83 24.31 41.88
CA THR B 236 -12.02 24.66 42.66
C THR B 236 -11.61 25.28 43.98
N GLN B 237 -12.21 26.44 44.30
CA GLN B 237 -11.98 27.08 45.59
C GLN B 237 -12.37 26.14 46.72
N VAL B 238 -11.55 26.12 47.78
CA VAL B 238 -11.76 25.14 48.84
C VAL B 238 -13.12 25.33 49.50
N ASN B 239 -13.50 26.59 49.76
CA ASN B 239 -14.82 26.84 50.34
C ASN B 239 -15.94 26.42 49.39
N ASP B 240 -15.75 26.57 48.07
CA ASP B 240 -16.78 26.15 47.13
C ASP B 240 -16.96 24.62 47.11
N ARG B 241 -15.99 23.85 47.60
CA ARG B 241 -16.07 22.40 47.53
C ARG B 241 -17.31 21.86 48.23
N GLN B 242 -17.57 22.34 49.45
CA GLN B 242 -18.65 21.77 50.25
C GLN B 242 -20.01 22.00 49.62
N LEU B 243 -20.21 23.14 48.97
CA LEU B 243 -21.49 23.45 48.36
C LEU B 243 -21.74 22.63 47.09
N LEU B 244 -20.69 22.43 46.27
CA LEU B 244 -20.82 21.49 45.16
C LEU B 244 -21.19 20.10 45.64
N ILE B 245 -20.53 19.65 46.71
CA ILE B 245 -20.80 18.31 47.22
C ILE B 245 -22.20 18.23 47.80
N ASP B 246 -22.65 19.24 48.54
CA ASP B 246 -24.02 19.26 49.04
C ASP B 246 -25.05 19.13 47.91
N LYS B 247 -24.82 19.86 46.81
CA LYS B 247 -25.73 19.79 45.67
C LYS B 247 -25.79 18.40 45.06
N PHE B 248 -24.64 17.71 45.01
CA PHE B 248 -24.63 16.35 44.51
C PHE B 248 -25.46 15.42 45.39
N TYR B 249 -25.39 15.61 46.72
CA TYR B 249 -26.22 14.80 47.61
C TYR B 249 -27.69 15.14 47.46
N GLU B 250 -28.02 16.43 47.31
CA GLU B 250 -29.39 16.91 47.43
C GLU B 250 -30.19 16.67 46.15
N ASP B 251 -29.57 16.88 44.99
CA ASP B 251 -30.28 16.88 43.71
C ASP B 251 -30.23 15.47 43.11
N LYS B 252 -31.37 14.79 43.13
CA LYS B 252 -31.44 13.43 42.61
C LYS B 252 -31.31 13.35 41.09
N ASP B 253 -31.45 14.48 40.40
CA ASP B 253 -31.32 14.53 38.95
C ASP B 253 -29.92 14.88 38.47
N ILE B 254 -28.93 14.90 39.36
CA ILE B 254 -27.54 15.08 38.96
C ILE B 254 -26.79 13.76 39.18
N PRO B 255 -26.67 12.91 38.16
CA PRO B 255 -26.12 11.57 38.43
C PRO B 255 -24.60 11.53 38.49
N ILE B 256 -23.91 12.57 38.01
CA ILE B 256 -22.49 12.48 37.68
C ILE B 256 -21.71 13.58 38.38
N PHE B 257 -20.57 13.21 38.98
CA PHE B 257 -19.59 14.15 39.51
C PHE B 257 -18.28 13.87 38.80
N ILE B 258 -17.73 14.86 38.11
CA ILE B 258 -16.44 14.70 37.43
C ILE B 258 -15.39 15.43 38.24
N LEU B 259 -14.24 14.77 38.45
CA LEU B 259 -13.23 15.25 39.37
C LEU B 259 -11.85 14.95 38.82
N SER B 260 -10.88 15.77 39.22
CA SER B 260 -9.52 15.35 38.96
C SER B 260 -9.15 14.24 39.95
N THR B 261 -8.32 13.30 39.48
CA THR B 261 -7.90 12.19 40.33
C THR B 261 -7.28 12.67 41.63
N LYS B 262 -6.57 13.80 41.59
CA LYS B 262 -5.98 14.37 42.81
C LYS B 262 -7.03 14.73 43.84
N ALA B 263 -8.30 14.87 43.44
CA ALA B 263 -9.35 15.10 44.43
C ALA B 263 -9.55 13.93 45.37
N GLY B 264 -9.06 12.73 45.03
CA GLY B 264 -9.06 11.63 45.98
C GLY B 264 -8.25 11.91 47.23
N GLY B 265 -7.34 12.89 47.18
CA GLY B 265 -6.59 13.26 48.35
C GLY B 265 -7.18 14.38 49.16
N PHE B 266 -8.37 14.86 48.81
CA PHE B 266 -8.97 16.04 49.43
C PHE B 266 -9.78 15.71 50.69
N GLY B 267 -9.85 14.45 51.08
CA GLY B 267 -10.65 14.06 52.24
C GLY B 267 -12.14 14.31 52.08
N ILE B 268 -12.65 14.34 50.86
CA ILE B 268 -14.08 14.58 50.65
C ILE B 268 -14.82 13.25 50.69
N ASN B 269 -16.12 13.31 50.97
CA ASN B 269 -16.95 12.13 51.18
C ASN B 269 -18.11 12.17 50.18
N LEU B 270 -18.14 11.21 49.27
CA LEU B 270 -19.09 11.18 48.18
C LEU B 270 -19.85 9.86 48.15
N VAL B 271 -20.28 9.36 49.31
CA VAL B 271 -20.92 8.04 49.38
C VAL B 271 -22.30 8.00 48.78
N CYS B 272 -22.88 9.15 48.40
CA CYS B 272 -24.12 9.08 47.63
C CYS B 272 -23.92 8.44 46.25
N ALA B 273 -22.68 8.32 45.78
CA ALA B 273 -22.38 7.56 44.57
C ALA B 273 -21.82 6.20 44.97
N ASN B 274 -22.23 5.14 44.26
CA ASN B 274 -21.64 3.83 44.49
C ASN B 274 -21.02 3.26 43.21
N ASN B 275 -20.71 4.11 42.25
CA ASN B 275 -20.00 3.75 41.02
C ASN B 275 -18.85 4.71 40.80
N VAL B 276 -17.73 4.18 40.31
CA VAL B 276 -16.54 5.01 40.03
C VAL B 276 -16.00 4.61 38.68
N ILE B 277 -15.70 5.59 37.84
CA ILE B 277 -15.05 5.36 36.55
C ILE B 277 -13.73 6.10 36.58
N ILE B 278 -12.64 5.37 36.45
CA ILE B 278 -11.31 5.96 36.30
C ILE B 278 -11.09 6.11 34.79
N PHE B 279 -11.20 7.35 34.30
CA PHE B 279 -11.16 7.54 32.85
C PHE B 279 -9.77 7.23 32.30
N ASP B 280 -8.73 7.45 33.09
CA ASP B 280 -7.36 7.17 32.70
C ASP B 280 -6.60 6.90 33.98
N GLN B 281 -5.83 5.82 33.97
CA GLN B 281 -5.22 5.30 35.18
C GLN B 281 -3.99 6.12 35.54
N SER B 282 -3.70 6.18 36.84
CA SER B 282 -2.46 6.75 37.31
C SER B 282 -1.35 5.71 37.30
N PHE B 283 -0.12 6.18 37.09
CA PHE B 283 1.04 5.30 37.24
C PHE B 283 1.26 4.92 38.70
N ASN B 284 0.66 5.65 39.64
CA ASN B 284 0.66 5.30 41.05
C ASN B 284 -0.71 4.78 41.45
N PRO B 285 -0.89 3.48 41.65
CA PRO B 285 -2.22 2.96 42.03
C PRO B 285 -2.80 3.57 43.29
N HIS B 286 -1.95 4.12 44.17
CA HIS B 286 -2.46 4.78 45.35
C HIS B 286 -3.43 5.91 44.97
N ASP B 287 -3.13 6.63 43.88
CA ASP B 287 -4.00 7.72 43.43
C ASP B 287 -5.40 7.22 43.12
N ASP B 288 -5.49 6.11 42.38
CA ASP B 288 -6.79 5.60 41.96
C ASP B 288 -7.53 4.94 43.12
N ARG B 289 -6.80 4.28 44.02
CA ARG B 289 -7.43 3.72 45.21
C ARG B 289 -7.97 4.83 46.11
N GLN B 290 -7.20 5.91 46.29
CA GLN B 290 -7.70 7.04 47.06
C GLN B 290 -8.92 7.68 46.39
N ALA B 291 -8.93 7.72 45.05
CA ALA B 291 -10.10 8.25 44.34
C ALA B 291 -11.33 7.39 44.56
N ALA B 292 -11.20 6.07 44.39
CA ALA B 292 -12.33 5.16 44.61
C ALA B 292 -12.85 5.25 46.04
N ASP B 293 -11.97 5.52 46.99
CA ASP B 293 -12.32 5.64 48.39
C ASP B 293 -13.07 6.94 48.70
N ARG B 294 -13.30 7.82 47.72
CA ARG B 294 -14.30 8.88 47.93
C ARG B 294 -15.69 8.29 48.04
N ALA B 295 -15.94 7.18 47.34
CA ALA B 295 -17.21 6.47 47.39
C ALA B 295 -17.21 5.28 48.33
N HIS B 296 -16.08 4.56 48.42
CA HIS B 296 -15.97 3.37 49.26
C HIS B 296 -15.38 3.77 50.59
N ARG B 297 -16.23 4.21 51.50
CA ARG B 297 -15.77 4.74 52.79
C ARG B 297 -16.97 4.80 53.73
N VAL B 298 -16.70 5.26 54.96
CA VAL B 298 -17.69 5.34 56.03
C VAL B 298 -18.97 6.00 55.54
N GLY B 299 -20.10 5.36 55.80
CA GLY B 299 -21.38 5.88 55.41
C GLY B 299 -21.92 5.27 54.14
N GLN B 300 -21.08 4.59 53.37
CA GLN B 300 -21.55 3.92 52.17
C GLN B 300 -22.43 2.72 52.54
N THR B 301 -23.62 2.66 51.95
CA THR B 301 -24.55 1.56 52.22
C THR B 301 -24.66 0.56 51.07
N LYS B 302 -24.05 0.80 49.93
CA LYS B 302 -24.15 -0.10 48.81
C LYS B 302 -22.78 -0.59 48.39
N GLU B 303 -22.75 -1.72 47.68
CA GLU B 303 -21.52 -2.16 47.06
C GLU B 303 -21.07 -1.13 46.03
N VAL B 304 -19.77 -0.87 45.99
CA VAL B 304 -19.18 0.13 45.12
C VAL B 304 -18.46 -0.59 43.99
N ASN B 305 -18.84 -0.28 42.75
CA ASN B 305 -18.21 -0.79 41.55
C ASN B 305 -17.33 0.27 40.89
N ILE B 306 -16.08 -0.11 40.61
CA ILE B 306 -15.05 0.77 40.08
C ILE B 306 -14.57 0.18 38.75
N THR B 307 -14.60 0.98 37.69
CA THR B 307 -14.13 0.55 36.38
C THR B 307 -13.03 1.47 35.90
N THR B 308 -11.93 0.90 35.44
CA THR B 308 -10.86 1.67 34.84
C THR B 308 -10.88 1.40 33.35
N LEU B 309 -10.89 2.47 32.54
CA LEU B 309 -10.89 2.36 31.10
C LEU B 309 -9.45 2.26 30.61
N ILE B 310 -9.16 1.25 29.79
CA ILE B 310 -7.84 1.05 29.26
C ILE B 310 -7.95 0.85 27.75
N THR B 311 -7.21 1.65 26.98
CA THR B 311 -7.24 1.51 25.54
C THR B 311 -6.35 0.35 25.11
N LYS B 312 -6.95 -0.62 24.42
CA LYS B 312 -6.25 -1.80 23.94
C LYS B 312 -5.14 -1.41 22.96
N ASP B 313 -4.02 -2.14 23.02
CA ASP B 313 -2.92 -1.98 22.06
C ASP B 313 -2.34 -0.57 22.14
N SER B 314 -2.27 -0.02 23.34
CA SER B 314 -1.74 1.31 23.55
C SER B 314 -0.82 1.28 24.76
N ILE B 315 -0.12 2.40 24.94
CA ILE B 315 0.75 2.60 26.08
C ILE B 315 0.03 2.40 27.39
N GLU B 316 -1.31 2.55 27.41
CA GLU B 316 -2.05 2.38 28.65
C GLU B 316 -1.93 0.96 29.20
N GLU B 317 -1.77 -0.04 28.33
CA GLU B 317 -1.56 -1.41 28.81
C GLU B 317 -0.24 -1.55 29.55
N LYS B 318 0.80 -0.84 29.12
CA LYS B 318 2.09 -0.95 29.78
C LYS B 318 2.13 -0.18 31.08
N ILE B 319 1.40 0.94 31.16
CA ILE B 319 1.31 1.66 32.42
C ILE B 319 0.60 0.81 33.45
N HIS B 320 -0.47 0.12 33.03
CA HIS B 320 -1.19 -0.78 33.91
C HIS B 320 -0.29 -1.89 34.48
N GLN B 321 0.55 -2.49 33.62
CA GLN B 321 1.44 -3.56 34.09
C GLN B 321 2.54 -3.05 35.00
N LEU B 322 3.14 -1.92 34.64
CA LEU B 322 4.29 -1.40 35.38
C LEU B 322 4.06 -0.41 36.50
N ALA B 323 2.80 -0.12 36.81
CA ALA B 323 2.51 0.86 37.85
C ALA B 323 3.13 0.49 39.19
N LYS B 324 3.50 1.50 39.97
CA LYS B 324 4.08 1.23 41.29
C LYS B 324 3.46 2.13 42.33
N ASN B 325 3.06 1.44 43.37
CA ASN B 325 2.29 1.97 44.48
C ASN B 325 3.21 2.64 45.51
N LYS B 326 3.00 3.93 45.76
CA LYS B 326 3.85 4.60 46.74
C LYS B 326 3.08 5.77 47.35
N LEU B 327 3.61 6.27 48.46
CA LEU B 327 3.12 7.49 49.10
C LEU B 327 4.04 8.65 48.72
N ALA B 328 3.49 9.68 48.09
CA ALA B 328 4.33 10.74 47.55
C ALA B 328 5.03 11.49 48.68
N LEU B 329 6.31 11.82 48.44
CA LEU B 329 7.10 12.52 49.46
C LEU B 329 6.59 13.94 49.73
N ASP B 330 5.88 14.55 48.78
CA ASP B 330 5.25 15.85 49.02
C ASP B 330 3.79 15.72 49.44
N SER B 331 3.40 14.57 50.02
CA SER B 331 2.07 14.45 50.59
C SER B 331 1.80 15.51 51.65
N TYR B 332 2.85 15.95 52.36
CA TYR B 332 2.66 16.91 53.43
C TYR B 332 2.29 18.29 52.91
N ILE B 333 2.50 18.54 51.62
CA ILE B 333 2.16 19.83 51.02
C ILE B 333 0.69 19.79 50.60
N SER B 334 -0.06 20.81 51.04
CA SER B 334 -1.48 20.93 50.73
C SER B 334 -1.73 20.90 49.22
N ASP B 341 0.32 15.73 34.14
CA ASP B 341 0.86 14.51 34.73
C ASP B 341 2.05 13.98 33.92
N VAL B 342 3.19 14.64 34.01
CA VAL B 342 4.36 14.17 33.27
C VAL B 342 5.10 13.14 34.12
N LEU B 343 5.47 12.04 33.48
CA LEU B 343 6.24 11.00 34.15
C LEU B 343 7.71 11.40 34.16
N GLU B 344 8.46 10.90 35.14
CA GLU B 344 9.86 11.30 35.27
C GLU B 344 10.71 10.66 34.17
N SER B 345 11.93 11.20 34.01
CA SER B 345 12.75 10.88 32.84
C SER B 345 13.00 9.39 32.73
N LYS B 346 13.37 8.73 33.84
CA LYS B 346 13.77 7.33 33.73
C LYS B 346 12.58 6.42 33.48
N VAL B 347 11.40 6.74 34.05
CA VAL B 347 10.19 6.00 33.71
C VAL B 347 9.82 6.22 32.26
N SER B 348 9.93 7.45 31.79
CA SER B 348 9.64 7.74 30.39
C SER B 348 10.63 7.03 29.47
N ASP B 349 11.92 7.02 29.83
CA ASP B 349 12.92 6.29 29.05
C ASP B 349 12.57 4.81 28.99
N MET B 350 12.21 4.23 30.13
CA MET B 350 11.86 2.80 30.18
C MET B 350 10.64 2.50 29.30
N LEU B 351 9.61 3.36 29.35
CA LEU B 351 8.42 3.10 28.55
C LEU B 351 8.71 3.26 27.06
N GLU B 352 9.49 4.29 26.70
CA GLU B 352 9.84 4.46 25.30
C GLU B 352 10.63 3.25 24.79
N ASP B 353 11.50 2.70 25.64
CA ASP B 353 12.28 1.51 25.25
C ASP B 353 11.39 0.30 25.00
N ILE B 354 10.37 0.09 25.84
CA ILE B 354 9.47 -1.05 25.66
C ILE B 354 8.69 -0.90 24.36
N ILE B 355 8.14 0.29 24.12
CA ILE B 355 7.37 0.55 22.91
C ILE B 355 8.24 0.34 21.68
N TYR B 356 9.44 0.87 21.71
CA TYR B 356 10.32 0.70 20.58
C TYR B 356 10.73 -0.75 20.31
N ASP B 357 11.04 -1.49 21.37
CA ASP B 357 11.46 -2.88 21.27
C ASP B 357 10.37 -3.74 20.72
N GLU B 358 9.17 -3.47 21.19
CA GLU B 358 8.04 -4.26 20.74
C GLU B 358 7.70 -4.02 19.29
N LEU B 359 7.92 -2.78 18.83
CA LEU B 359 7.62 -2.40 17.46
C LEU B 359 8.49 -3.11 16.42
N HIS C 45 25.46 -25.20 6.97
CA HIS C 45 24.03 -24.99 7.20
C HIS C 45 23.46 -24.00 6.20
N LEU C 46 24.32 -23.14 5.67
CA LEU C 46 23.87 -22.10 4.75
C LEU C 46 23.28 -22.71 3.48
N PRO C 47 22.06 -22.34 3.09
CA PRO C 47 21.44 -22.94 1.91
C PRO C 47 22.28 -22.68 0.66
N PRO C 48 22.08 -23.47 -0.39
CA PRO C 48 22.94 -23.33 -1.58
C PRO C 48 22.61 -22.07 -2.39
N LYS C 49 23.64 -21.53 -3.04
CA LYS C 49 23.47 -20.51 -4.05
C LYS C 49 23.88 -21.08 -5.41
N HIS C 50 23.14 -20.69 -6.45
CA HIS C 50 23.35 -21.17 -7.81
C HIS C 50 23.60 -19.99 -8.74
N THR C 51 24.54 -20.14 -9.68
CA THR C 51 24.87 -19.08 -10.62
C THR C 51 24.51 -19.51 -12.04
N HIS C 52 24.01 -18.56 -12.82
CA HIS C 52 23.59 -18.80 -14.20
C HIS C 52 24.10 -17.67 -15.07
N ILE C 53 24.22 -17.95 -16.37
CA ILE C 53 24.48 -16.93 -17.37
C ILE C 53 23.27 -16.84 -18.28
N GLN C 54 22.83 -15.62 -18.54
CA GLN C 54 21.77 -15.37 -19.48
C GLN C 54 22.38 -14.56 -20.61
N TYR C 55 22.39 -15.09 -21.82
CA TYR C 55 22.92 -14.35 -22.95
C TYR C 55 21.90 -13.38 -23.49
N CYS C 56 22.38 -12.29 -24.04
CA CYS C 56 21.51 -11.30 -24.59
C CYS C 56 21.97 -10.82 -25.94
N GLU C 57 21.02 -10.38 -26.70
CA GLU C 57 21.26 -9.91 -28.02
C GLU C 57 21.70 -8.46 -28.12
N LEU C 58 22.37 -8.14 -29.22
CA LEU C 58 22.75 -6.77 -29.50
C LEU C 58 21.60 -6.40 -30.43
N ASN C 59 20.72 -5.51 -30.02
CA ASN C 59 19.62 -5.11 -30.86
C ASN C 59 20.08 -4.30 -32.06
N ALA C 60 19.20 -4.01 -32.99
CA ALA C 60 19.66 -3.36 -34.23
C ALA C 60 20.38 -2.05 -33.94
N ILE C 61 19.92 -1.31 -32.92
CA ILE C 61 20.53 -0.03 -32.58
C ILE C 61 21.91 -0.25 -31.98
N GLN C 62 22.02 -1.20 -31.04
CA GLN C 62 23.30 -1.51 -30.41
C GLN C 62 24.32 -1.98 -31.44
N LYS C 63 23.89 -2.85 -32.35
CA LYS C 63 24.78 -3.36 -33.38
C LYS C 63 25.38 -2.23 -34.21
N LYS C 64 24.54 -1.27 -34.63
CA LYS C 64 25.03 -0.13 -35.39
C LYS C 64 26.07 0.67 -34.58
N ILE C 65 25.76 0.94 -33.31
CA ILE C 65 26.71 1.64 -32.44
C ILE C 65 27.99 0.83 -32.27
N TYR C 66 27.85 -0.46 -31.96
CA TYR C 66 29.00 -1.33 -31.69
C TYR C 66 29.92 -1.43 -32.90
N ASP C 67 29.32 -1.61 -34.09
CA ASP C 67 30.12 -1.72 -35.32
C ASP C 67 30.87 -0.43 -35.62
N LYS C 68 30.24 0.73 -35.37
CA LYS C 68 30.94 2.00 -35.52
C LYS C 68 32.17 2.06 -34.63
N GLU C 69 32.03 1.65 -33.37
CA GLU C 69 33.18 1.64 -32.46
C GLU C 69 34.25 0.68 -32.94
N ILE C 70 33.86 -0.49 -33.44
CA ILE C 70 34.82 -1.47 -33.92
C ILE C 70 35.66 -0.90 -35.05
N GLN C 71 35.04 -0.11 -35.93
CA GLN C 71 35.79 0.51 -37.01
C GLN C 71 36.82 1.51 -36.49
N ILE C 72 36.49 2.22 -35.40
CA ILE C 72 37.50 3.08 -34.78
C ILE C 72 38.61 2.23 -34.15
N VAL C 73 38.27 1.10 -33.53
CA VAL C 73 39.29 0.19 -33.00
C VAL C 73 40.22 -0.26 -34.12
N LEU C 74 39.66 -0.68 -35.25
CA LEU C 74 40.47 -1.08 -36.40
C LEU C 74 41.37 0.04 -36.86
N GLU C 75 40.82 1.24 -36.99
CA GLU C 75 41.62 2.39 -37.42
C GLU C 75 42.70 2.71 -36.40
N HIS C 76 42.37 2.62 -35.11
CA HIS C 76 43.34 2.90 -34.07
C HIS C 76 44.51 1.93 -34.13
N LYS C 77 44.22 0.64 -34.29
CA LYS C 77 45.27 -0.38 -34.36
C LYS C 77 46.13 -0.24 -35.61
N ARG C 78 45.52 0.10 -36.74
CA ARG C 78 46.31 0.27 -37.95
C ARG C 78 47.25 1.47 -37.85
N MET C 79 46.80 2.53 -37.17
CA MET C 79 47.66 3.70 -36.96
C MET C 79 48.84 3.37 -36.04
N ILE C 80 48.55 2.69 -34.92
CA ILE C 80 49.58 2.33 -33.95
C ILE C 80 50.67 1.47 -34.59
N LYS C 81 50.34 0.65 -35.59
CA LYS C 81 51.35 -0.26 -36.10
C LYS C 81 52.01 0.19 -37.38
N ASP C 82 51.43 1.17 -38.08
CA ASP C 82 51.92 1.51 -39.41
C ASP C 82 51.83 2.99 -39.72
N GLY C 83 51.17 3.75 -38.85
CA GLY C 83 50.96 5.15 -39.15
C GLY C 83 49.86 5.38 -40.15
N GLU C 84 49.13 4.33 -40.53
CA GLU C 84 48.00 4.46 -41.43
C GLU C 84 46.96 5.37 -40.80
N LEU C 85 46.51 6.36 -41.56
CA LEU C 85 45.50 7.26 -41.05
C LEU C 85 44.28 7.23 -41.95
N PRO C 86 43.08 7.32 -41.37
CA PRO C 86 41.87 7.26 -42.19
C PRO C 86 41.86 8.36 -43.24
N LYS C 87 41.43 7.98 -44.44
CA LYS C 87 41.37 8.96 -45.52
C LYS C 87 40.43 10.10 -45.17
N ASP C 88 39.28 9.78 -44.55
CA ASP C 88 38.29 10.79 -44.21
C ASP C 88 38.79 11.66 -43.06
N ALA C 89 38.54 12.97 -43.18
CA ALA C 89 39.12 13.93 -42.23
C ALA C 89 38.42 13.88 -40.88
N LYS C 90 37.09 13.68 -40.87
CA LYS C 90 36.37 13.60 -39.61
C LYS C 90 36.79 12.35 -38.82
N GLU C 91 36.88 11.21 -39.52
CA GLU C 91 37.26 9.96 -38.87
C GLU C 91 38.71 10.00 -38.38
N LYS C 92 39.58 10.72 -39.08
CA LYS C 92 40.96 10.85 -38.62
C LYS C 92 41.06 11.68 -37.34
N SER C 93 40.19 12.67 -37.17
CA SER C 93 40.29 13.56 -36.01
C SER C 93 39.86 12.85 -34.72
N LYS C 94 39.01 11.83 -34.83
CA LYS C 94 38.59 11.07 -33.65
C LYS C 94 39.75 10.36 -32.98
N LEU C 95 40.80 10.04 -33.74
CA LEU C 95 41.85 9.20 -33.19
C LEU C 95 42.72 9.93 -32.19
N GLN C 96 42.81 11.26 -32.28
CA GLN C 96 43.68 12.02 -31.39
C GLN C 96 43.27 11.86 -29.93
N SER C 97 41.98 11.76 -29.66
CA SER C 97 41.48 11.58 -28.30
C SER C 97 41.10 10.12 -28.00
N SER C 98 41.48 9.18 -28.85
CA SER C 98 41.18 7.76 -28.65
C SER C 98 42.36 7.05 -28.02
N SER C 99 42.06 6.13 -27.09
CA SER C 99 43.03 5.23 -26.49
C SER C 99 42.40 3.86 -26.37
N SER C 100 43.22 2.83 -26.14
CA SER C 100 42.64 1.52 -25.85
C SER C 100 41.66 1.59 -24.68
N LYS C 101 41.92 2.48 -23.72
CA LYS C 101 41.08 2.56 -22.52
C LYS C 101 39.69 3.08 -22.86
N ASN C 102 39.59 4.19 -23.57
CA ASN C 102 38.24 4.69 -23.84
C ASN C 102 37.56 3.96 -24.99
N LEU C 103 38.31 3.33 -25.92
CA LEU C 103 37.65 2.49 -26.92
C LEU C 103 37.02 1.26 -26.28
N ILE C 104 37.73 0.58 -25.37
CA ILE C 104 37.17 -0.59 -24.70
C ILE C 104 35.95 -0.18 -23.87
N MET C 105 36.04 0.97 -23.19
CA MET C 105 34.88 1.45 -22.45
C MET C 105 33.66 1.62 -23.35
N ALA C 106 33.88 2.16 -24.56
CA ALA C 106 32.78 2.34 -25.50
C ALA C 106 32.15 1.02 -25.88
N LEU C 107 32.97 0.00 -26.16
CA LEU C 107 32.41 -1.30 -26.50
C LEU C 107 31.62 -1.87 -25.33
N ARG C 108 32.11 -1.69 -24.09
CA ARG C 108 31.35 -2.20 -22.95
C ARG C 108 29.99 -1.53 -22.85
N LYS C 109 29.94 -0.21 -23.08
CA LYS C 109 28.67 0.52 -22.96
C LYS C 109 27.72 0.17 -24.09
N ALA C 110 28.24 0.03 -25.31
CA ALA C 110 27.38 -0.36 -26.42
C ALA C 110 26.79 -1.73 -26.19
N SER C 111 27.47 -2.57 -25.42
CA SER C 111 26.94 -3.87 -25.04
C SER C 111 25.82 -3.77 -24.02
N LEU C 112 25.60 -2.59 -23.45
CA LEU C 112 24.66 -2.40 -22.35
C LEU C 112 23.39 -1.68 -22.77
N HIS C 113 23.51 -0.56 -23.48
CA HIS C 113 22.33 0.26 -23.76
C HIS C 113 22.62 1.38 -24.74
N PRO C 114 21.80 1.54 -25.79
CA PRO C 114 22.03 2.65 -26.72
C PRO C 114 22.02 4.02 -26.07
N LEU C 115 21.29 4.19 -24.96
CA LEU C 115 21.14 5.54 -24.41
C LEU C 115 22.37 6.00 -23.65
N LEU C 116 23.42 5.17 -23.56
CA LEU C 116 24.72 5.59 -23.08
C LEU C 116 25.51 6.34 -24.15
N PHE C 117 24.92 6.57 -25.33
CA PHE C 117 25.53 7.30 -26.42
C PHE C 117 24.59 8.41 -26.86
N ARG C 118 25.11 9.37 -27.62
CA ARG C 118 24.31 10.42 -28.24
C ARG C 118 24.03 10.03 -29.69
N ASN C 119 22.78 9.71 -29.99
CA ASN C 119 22.37 9.45 -31.39
C ASN C 119 21.03 10.09 -31.71
N ILE C 120 20.06 9.84 -30.83
CA ILE C 120 18.73 10.45 -30.99
C ILE C 120 18.84 11.97 -30.98
N TYR C 121 19.61 12.52 -30.04
CA TYR C 121 19.80 13.96 -29.94
C TYR C 121 20.94 14.38 -30.89
N ASN C 122 20.62 14.37 -32.18
CA ASN C 122 21.61 14.68 -33.20
C ASN C 122 22.03 16.15 -33.12
N ASP C 123 23.03 16.52 -33.93
CA ASP C 123 23.57 17.89 -33.86
C ASP C 123 22.52 18.95 -34.15
N LYS C 124 21.57 18.66 -35.04
CA LYS C 124 20.52 19.64 -35.32
C LYS C 124 19.60 19.83 -34.13
N ILE C 125 19.29 18.74 -33.41
CA ILE C 125 18.43 18.81 -32.24
CA ILE C 125 18.43 18.83 -32.25
C ILE C 125 19.11 19.59 -31.12
N ILE C 126 20.37 19.25 -30.81
CA ILE C 126 21.03 19.99 -29.73
C ILE C 126 21.32 21.43 -30.13
N THR C 127 21.36 21.73 -31.43
CA THR C 127 21.41 23.13 -31.83
C THR C 127 20.14 23.86 -31.42
N LYS C 128 18.98 23.24 -31.67
CA LYS C 128 17.72 23.84 -31.26
C LYS C 128 17.60 23.89 -29.73
N MET C 129 18.04 22.86 -29.04
CA MET C 129 17.95 22.87 -27.59
C MET C 129 18.82 23.97 -26.98
N SER C 130 19.99 24.20 -27.57
CA SER C 130 20.91 25.17 -26.97
C SER C 130 20.39 26.61 -27.14
N ASP C 131 19.67 26.89 -28.23
CA ASP C 131 18.94 28.17 -28.35
C ASP C 131 17.79 28.24 -27.36
N ALA C 132 17.04 27.14 -27.23
CA ALA C 132 15.82 27.15 -26.40
C ALA C 132 16.13 27.36 -24.93
N ILE C 133 17.20 26.73 -24.43
CA ILE C 133 17.50 26.79 -23.00
C ILE C 133 17.93 28.19 -22.57
N LEU C 134 18.38 29.03 -23.51
CA LEU C 134 18.70 30.42 -23.18
C LEU C 134 17.49 31.18 -22.65
N ASP C 135 16.28 30.67 -22.86
CA ASP C 135 15.11 31.30 -22.28
C ASP C 135 14.91 30.94 -20.80
N GLU C 136 15.68 29.99 -20.25
CA GLU C 136 15.57 29.66 -18.83
C GLU C 136 16.22 30.77 -17.99
N PRO C 137 15.58 31.16 -16.89
CA PRO C 137 16.18 32.18 -16.01
C PRO C 137 17.65 31.90 -15.67
N ALA C 138 18.00 30.63 -15.40
CA ALA C 138 19.37 30.30 -15.02
C ALA C 138 20.39 30.60 -16.13
N TYR C 139 19.97 30.60 -17.39
CA TYR C 139 20.87 30.86 -18.51
C TYR C 139 20.58 32.15 -19.25
N ALA C 140 19.50 32.86 -18.90
CA ALA C 140 19.06 33.95 -19.76
C ALA C 140 20.08 35.08 -19.77
N GLU C 141 20.70 35.34 -18.61
CA GLU C 141 21.60 36.49 -18.50
C GLU C 141 22.88 36.30 -19.31
N ASN C 142 23.62 35.23 -19.04
CA ASN C 142 24.95 35.04 -19.62
C ASN C 142 25.15 33.70 -20.33
N GLY C 143 24.07 32.98 -20.64
CA GLY C 143 24.23 31.77 -21.42
C GLY C 143 24.78 32.06 -22.80
N ASN C 144 25.60 31.14 -23.30
CA ASN C 144 26.24 31.24 -24.61
C ASN C 144 25.83 30.00 -25.39
N LYS C 145 25.06 30.20 -26.46
CA LYS C 145 24.52 29.06 -27.21
C LYS C 145 25.64 28.18 -27.76
N GLU C 146 26.77 28.74 -28.11
CA GLU C 146 27.85 27.91 -28.63
C GLU C 146 28.44 27.06 -27.50
N TYR C 147 28.65 27.68 -26.33
CA TYR C 147 29.18 26.95 -25.19
C TYR C 147 28.22 25.84 -24.77
N ILE C 148 26.95 26.16 -24.68
CA ILE C 148 25.92 25.20 -24.28
C ILE C 148 25.85 24.05 -25.28
N LYS C 149 25.85 24.36 -26.57
CA LYS C 149 25.80 23.31 -27.58
C LYS C 149 27.00 22.37 -27.46
N GLU C 150 28.19 22.92 -27.15
CA GLU C 150 29.38 22.08 -26.94
C GLU C 150 29.18 21.13 -25.76
N ASP C 151 28.69 21.66 -24.64
CA ASP C 151 28.42 20.82 -23.47
C ASP C 151 27.41 19.72 -23.81
N MET C 152 26.34 20.06 -24.54
CA MET C 152 25.35 19.06 -24.95
C MET C 152 25.98 17.98 -25.80
N SER C 153 26.90 18.36 -26.70
CA SER C 153 27.46 17.39 -27.64
C SER C 153 28.18 16.24 -26.93
N TYR C 154 28.64 16.47 -25.69
CA TYR C 154 29.32 15.46 -24.89
C TYR C 154 28.40 14.68 -23.98
N MET C 155 27.12 15.03 -23.91
CA MET C 155 26.18 14.28 -23.10
C MET C 155 25.60 13.10 -23.89
N THR C 156 25.06 12.14 -23.15
CA THR C 156 24.42 10.98 -23.75
C THR C 156 22.95 11.31 -24.02
N ASP C 157 22.30 10.44 -24.82
CA ASP C 157 20.87 10.62 -25.07
C ASP C 157 20.09 10.59 -23.75
N PHE C 158 20.49 9.72 -22.81
CA PHE C 158 19.71 9.67 -21.58
C PHE C 158 19.94 10.93 -20.74
N GLU C 159 21.19 11.41 -20.69
CA GLU C 159 21.45 12.64 -19.96
C GLU C 159 20.69 13.81 -20.58
N LEU C 160 20.65 13.87 -21.92
CA LEU C 160 19.93 14.97 -22.58
C LEU C 160 18.43 14.89 -22.31
N HIS C 161 17.86 13.67 -22.28
CA HIS C 161 16.45 13.52 -21.88
C HIS C 161 16.22 14.07 -20.47
N LYS C 162 17.10 13.72 -19.52
CA LYS C 162 16.91 14.19 -18.16
C LYS C 162 17.07 15.71 -18.06
N LEU C 163 17.94 16.29 -18.90
CA LEU C 163 18.04 17.76 -18.97
C LEU C 163 16.73 18.38 -19.42
N CYS C 164 16.09 17.78 -20.44
CA CYS C 164 14.78 18.23 -20.89
C CYS C 164 13.68 18.04 -19.83
N CYS C 165 13.81 17.02 -18.97
CA CYS C 165 12.86 16.87 -17.86
C CYS C 165 13.09 17.93 -16.80
N ASN C 166 14.34 18.35 -16.60
CA ASN C 166 14.61 19.36 -15.59
C ASN C 166 14.17 20.76 -16.03
N PHE C 167 14.21 21.05 -17.34
CA PHE C 167 13.87 22.36 -17.87
C PHE C 167 12.67 22.27 -18.82
N PRO C 168 11.50 21.86 -18.31
CA PRO C 168 10.37 21.61 -19.22
C PRO C 168 9.80 22.86 -19.88
N ASN C 169 9.95 24.04 -19.29
CA ASN C 169 9.40 25.26 -19.89
C ASN C 169 10.06 25.59 -21.23
N THR C 170 11.30 25.16 -21.44
CA THR C 170 11.95 25.38 -22.72
C THR C 170 12.28 24.10 -23.50
N LEU C 171 12.36 22.95 -22.83
CA LEU C 171 12.89 21.75 -23.46
C LEU C 171 11.94 20.55 -23.44
N SER C 172 10.71 20.68 -22.92
CA SER C 172 9.86 19.51 -22.76
C SER C 172 9.58 18.82 -24.09
N LYS C 173 9.53 19.58 -25.20
CA LYS C 173 9.19 18.87 -26.42
C LYS C 173 10.32 18.00 -26.95
N TYR C 174 11.53 18.13 -26.41
CA TYR C 174 12.65 17.29 -26.84
C TYR C 174 12.83 16.06 -25.97
N GLN C 175 12.03 15.90 -24.91
CA GLN C 175 12.07 14.68 -24.10
C GLN C 175 11.77 13.46 -24.95
N LEU C 176 12.42 12.36 -24.61
CA LEU C 176 12.04 11.05 -25.14
C LEU C 176 10.65 10.67 -24.65
N HIS C 177 9.83 10.13 -25.55
CA HIS C 177 8.47 9.77 -25.18
C HIS C 177 8.03 8.50 -25.90
N ASN C 178 8.97 7.61 -26.19
CA ASN C 178 8.62 6.37 -26.87
C ASN C 178 9.30 5.17 -26.23
N ASP C 179 9.49 5.18 -24.91
CA ASP C 179 10.06 4.03 -24.18
C ASP C 179 11.42 3.63 -24.75
N GLU C 180 12.21 4.60 -25.22
CA GLU C 180 13.53 4.31 -25.76
C GLU C 180 14.45 3.67 -24.73
N TRP C 181 14.21 3.91 -23.43
CA TRP C 181 14.99 3.26 -22.39
C TRP C 181 14.73 1.76 -22.32
N MET C 182 13.65 1.27 -22.91
CA MET C 182 13.40 -0.17 -22.93
C MET C 182 14.16 -0.88 -24.05
N GLN C 183 14.71 -0.16 -25.03
CA GLN C 183 15.20 -0.78 -26.26
C GLN C 183 16.68 -1.11 -26.12
N SER C 184 16.93 -2.27 -25.53
CA SER C 184 18.27 -2.83 -25.40
C SER C 184 18.10 -4.31 -25.17
N GLY C 185 18.99 -5.12 -25.78
CA GLY C 185 18.91 -6.55 -25.59
C GLY C 185 18.98 -6.97 -24.13
N LYS C 186 19.75 -6.24 -23.33
CA LYS C 186 19.81 -6.56 -21.90
C LYS C 186 18.52 -6.21 -21.18
N ILE C 187 17.81 -5.17 -21.62
CA ILE C 187 16.52 -4.86 -21.01
C ILE C 187 15.48 -5.90 -21.37
N ASP C 188 15.50 -6.39 -22.61
CA ASP C 188 14.61 -7.50 -22.99
C ASP C 188 14.81 -8.70 -22.07
N ALA C 189 16.07 -9.07 -21.81
CA ALA C 189 16.31 -10.20 -20.94
C ALA C 189 15.93 -9.88 -19.50
N LEU C 190 16.24 -8.68 -19.03
CA LEU C 190 15.89 -8.31 -17.66
C LEU C 190 14.39 -8.38 -17.43
N LYS C 191 13.61 -7.93 -18.43
CA LYS C 191 12.16 -7.90 -18.29
C LYS C 191 11.61 -9.32 -18.08
N LYS C 192 12.04 -10.25 -18.92
CA LYS C 192 11.61 -11.64 -18.79
CA LYS C 192 11.61 -11.65 -18.79
C LYS C 192 12.00 -12.22 -17.43
N LEU C 193 13.22 -11.95 -16.97
CA LEU C 193 13.70 -12.49 -15.70
C LEU C 193 12.95 -11.88 -14.52
N LEU C 194 12.69 -10.57 -14.58
CA LEU C 194 11.99 -9.91 -13.48
C LEU C 194 10.59 -10.48 -13.29
N LYS C 195 9.92 -10.80 -14.40
CA LYS C 195 8.57 -11.35 -14.32
C LYS C 195 8.58 -12.70 -13.62
N THR C 196 9.55 -13.56 -13.96
CA THR C 196 9.70 -14.86 -13.30
C THR C 196 9.91 -14.69 -11.80
N ILE C 197 10.81 -13.78 -11.41
CA ILE C 197 11.12 -13.60 -10.00
C ILE C 197 9.95 -12.96 -9.28
N ILE C 198 9.45 -11.84 -9.80
CA ILE C 198 8.50 -11.02 -9.07
C ILE C 198 7.09 -11.56 -9.21
N VAL C 199 6.63 -11.78 -10.44
CA VAL C 199 5.24 -12.16 -10.65
C VAL C 199 5.03 -13.63 -10.31
N ASP C 200 5.85 -14.53 -10.87
CA ASP C 200 5.62 -15.96 -10.70
C ASP C 200 6.04 -16.45 -9.32
N LYS C 201 7.31 -16.22 -8.97
CA LYS C 201 7.83 -16.74 -7.70
C LYS C 201 7.53 -15.82 -6.53
N GLN C 202 7.12 -14.58 -6.77
CA GLN C 202 6.82 -13.62 -5.71
C GLN C 202 8.01 -13.46 -4.76
N GLU C 203 9.21 -13.34 -5.34
CA GLU C 203 10.43 -13.16 -4.59
C GLU C 203 11.03 -11.77 -4.87
N LYS C 204 12.01 -11.39 -4.05
CA LYS C 204 12.71 -10.13 -4.21
C LYS C 204 14.07 -10.37 -4.87
N VAL C 205 14.61 -9.32 -5.49
CA VAL C 205 15.79 -9.44 -6.34
C VAL C 205 16.68 -8.21 -6.14
N LEU C 206 17.99 -8.43 -6.12
CA LEU C 206 18.99 -7.37 -6.12
C LEU C 206 19.57 -7.24 -7.52
N ILE C 207 19.73 -6.00 -8.01
CA ILE C 207 20.29 -5.77 -9.33
C ILE C 207 21.56 -4.93 -9.17
N PHE C 208 22.67 -5.41 -9.72
CA PHE C 208 23.97 -4.75 -9.54
C PHE C 208 24.51 -4.27 -10.87
N SER C 209 25.20 -3.13 -10.85
CA SER C 209 25.87 -2.64 -12.05
C SER C 209 27.14 -1.92 -11.63
N LEU C 210 28.16 -2.02 -12.47
CA LEU C 210 29.32 -1.15 -12.25
C LEU C 210 29.12 0.26 -12.84
N PHE C 211 28.04 0.50 -13.56
CA PHE C 211 27.81 1.79 -14.22
C PHE C 211 26.66 2.54 -13.54
N THR C 212 26.97 3.68 -12.93
CA THR C 212 25.90 4.51 -12.37
C THR C 212 24.93 4.98 -13.45
N GLN C 213 25.43 5.21 -14.67
CA GLN C 213 24.55 5.60 -15.78
C GLN C 213 23.56 4.49 -16.14
N VAL C 214 23.95 3.24 -15.94
CA VAL C 214 23.02 2.14 -16.17
C VAL C 214 21.92 2.14 -15.10
N LEU C 215 22.31 2.33 -13.84
CA LEU C 215 21.32 2.44 -12.76
C LEU C 215 20.32 3.56 -13.04
N ASP C 216 20.80 4.68 -13.58
CA ASP C 216 19.90 5.79 -13.91
C ASP C 216 18.85 5.37 -14.95
N ILE C 217 19.31 4.67 -15.98
CA ILE C 217 18.39 4.17 -17.01
C ILE C 217 17.45 3.14 -16.42
N LEU C 218 17.97 2.27 -15.54
CA LEU C 218 17.12 1.26 -14.91
C LEU C 218 15.98 1.88 -14.11
N GLU C 219 16.17 3.08 -13.53
CA GLU C 219 15.07 3.69 -12.78
C GLU C 219 13.86 3.90 -13.68
N MET C 220 14.10 4.29 -14.94
CA MET C 220 12.98 4.52 -15.85
C MET C 220 12.39 3.22 -16.37
N VAL C 221 13.25 2.22 -16.63
CA VAL C 221 12.77 0.90 -17.05
C VAL C 221 11.86 0.29 -15.97
N LEU C 222 12.31 0.31 -14.72
CA LEU C 222 11.51 -0.32 -13.67
C LEU C 222 10.19 0.44 -13.45
N SER C 223 10.22 1.77 -13.56
CA SER C 223 8.98 2.54 -13.54
C SER C 223 8.03 2.12 -14.67
N THR C 224 8.55 1.98 -15.89
CA THR C 224 7.69 1.57 -17.01
C THR C 224 7.05 0.21 -16.76
N LEU C 225 7.77 -0.68 -16.08
CA LEU C 225 7.27 -2.02 -15.80
C LEU C 225 6.43 -2.10 -14.54
N ASP C 226 6.26 -0.98 -13.80
CA ASP C 226 5.47 -0.93 -12.56
C ASP C 226 6.07 -1.79 -11.46
N TYR C 227 7.40 -1.79 -11.35
CA TYR C 227 8.08 -2.40 -10.21
C TYR C 227 8.63 -1.28 -9.35
N LYS C 228 8.17 -1.22 -8.11
CA LYS C 228 8.77 -0.31 -7.14
C LYS C 228 10.18 -0.78 -6.81
N PHE C 229 11.06 0.17 -6.50
CA PHE C 229 12.44 -0.19 -6.23
C PHE C 229 13.05 0.80 -5.26
N LEU C 230 14.15 0.39 -4.65
CA LEU C 230 15.01 1.30 -3.91
C LEU C 230 16.40 1.26 -4.54
N ARG C 231 17.20 2.29 -4.25
CA ARG C 231 18.54 2.40 -4.84
C ARG C 231 19.56 2.68 -3.76
N LEU C 232 20.72 2.03 -3.87
CA LEU C 232 21.82 2.26 -2.94
C LEU C 232 23.11 2.14 -3.73
N ASP C 233 23.88 3.25 -3.83
CA ASP C 233 25.16 3.23 -4.52
C ASP C 233 26.19 3.98 -3.68
N GLY C 234 27.34 4.32 -4.29
CA GLY C 234 28.39 4.97 -3.55
C GLY C 234 28.09 6.41 -3.20
N SER C 235 27.11 7.02 -3.85
CA SER C 235 26.71 8.38 -3.52
C SER C 235 25.73 8.42 -2.35
N THR C 236 25.09 7.29 -2.01
CA THR C 236 24.13 7.27 -0.91
C THR C 236 24.83 7.69 0.38
N GLN C 237 24.23 8.65 1.10
CA GLN C 237 24.73 8.99 2.42
C GLN C 237 24.73 7.75 3.30
N VAL C 238 25.80 7.60 4.09
CA VAL C 238 25.86 6.48 5.04
C VAL C 238 24.62 6.49 5.94
N ASN C 239 24.19 7.67 6.38
CA ASN C 239 23.03 7.74 7.27
C ASN C 239 21.78 7.16 6.59
N ASP C 240 21.63 7.38 5.29
CA ASP C 240 20.43 6.92 4.61
C ASP C 240 20.43 5.43 4.28
N ARG C 241 21.56 4.73 4.43
CA ARG C 241 21.60 3.32 4.02
C ARG C 241 20.63 2.49 4.86
N GLN C 242 20.67 2.67 6.19
CA GLN C 242 19.85 1.86 7.08
C GLN C 242 18.37 2.02 6.74
N LEU C 243 17.92 3.25 6.55
CA LEU C 243 16.51 3.48 6.29
C LEU C 243 16.08 2.89 4.95
N LEU C 244 16.96 2.89 3.95
CA LEU C 244 16.67 2.19 2.70
C LEU C 244 16.60 0.68 2.93
N ILE C 245 17.53 0.12 3.71
CA ILE C 245 17.57 -1.32 3.93
C ILE C 245 16.34 -1.77 4.72
N ASP C 246 15.95 -1.04 5.77
CA ASP C 246 14.76 -1.41 6.54
C ASP C 246 13.51 -1.35 5.68
N LYS C 247 13.41 -0.34 4.82
CA LYS C 247 12.27 -0.24 3.91
C LYS C 247 12.19 -1.45 2.99
N PHE C 248 13.34 -1.99 2.56
CA PHE C 248 13.33 -3.14 1.66
C PHE C 248 12.81 -4.38 2.38
N TYR C 249 13.22 -4.59 3.64
CA TYR C 249 12.68 -5.71 4.41
C TYR C 249 11.19 -5.53 4.69
N GLU C 250 10.82 -4.37 5.25
CA GLU C 250 9.49 -4.19 5.85
C GLU C 250 8.38 -4.04 4.82
N ASP C 251 8.68 -3.56 3.61
CA ASP C 251 7.68 -3.27 2.60
C ASP C 251 7.62 -4.45 1.62
N LYS C 252 6.50 -5.17 1.60
CA LYS C 252 6.33 -6.32 0.72
C LYS C 252 6.05 -5.91 -0.72
N ASP C 253 5.80 -4.63 -0.99
CA ASP C 253 5.49 -4.14 -2.32
C ASP C 253 6.69 -3.50 -3.02
N ILE C 254 7.88 -3.57 -2.43
CA ILE C 254 9.10 -3.11 -3.11
C ILE C 254 9.94 -4.35 -3.47
N PRO C 255 9.80 -4.91 -4.67
CA PRO C 255 10.51 -6.16 -4.98
C PRO C 255 11.96 -6.00 -5.37
N ILE C 256 12.42 -4.79 -5.70
CA ILE C 256 13.73 -4.61 -6.34
C ILE C 256 14.58 -3.63 -5.53
N PHE C 257 15.84 -4.00 -5.31
CA PHE C 257 16.90 -3.12 -4.85
C PHE C 257 17.92 -3.03 -5.97
N ILE C 258 18.19 -1.83 -6.48
CA ILE C 258 19.25 -1.67 -7.48
C ILE C 258 20.46 -1.03 -6.79
N LEU C 259 21.63 -1.61 -7.01
CA LEU C 259 22.83 -1.20 -6.30
C LEU C 259 24.01 -1.15 -7.26
N SER C 260 24.98 -0.30 -6.91
CA SER C 260 26.27 -0.41 -7.56
C SER C 260 26.95 -1.68 -7.06
N THR C 261 27.70 -2.32 -7.94
CA THR C 261 28.41 -3.53 -7.55
C THR C 261 29.29 -3.27 -6.32
N LYS C 262 29.85 -2.07 -6.24
CA LYS C 262 30.67 -1.69 -5.10
C LYS C 262 29.94 -1.86 -3.75
N ALA C 263 28.61 -1.82 -3.75
CA ALA C 263 27.86 -1.99 -2.50
C ALA C 263 28.04 -3.38 -1.90
N GLY C 264 28.46 -4.36 -2.71
CA GLY C 264 28.83 -5.65 -2.16
C GLY C 264 29.90 -5.58 -1.11
N GLY C 265 30.70 -4.52 -1.10
CA GLY C 265 31.72 -4.30 -0.09
C GLY C 265 31.31 -3.42 1.06
N PHE C 266 30.04 -3.05 1.18
CA PHE C 266 29.56 -2.17 2.24
C PHE C 266 29.15 -2.93 3.49
N GLY C 267 29.28 -4.25 3.52
CA GLY C 267 28.94 -5.01 4.71
C GLY C 267 27.48 -4.95 5.08
N ILE C 268 26.59 -4.92 4.09
CA ILE C 268 25.15 -4.81 4.33
C ILE C 268 24.51 -6.18 4.12
N ASN C 269 23.31 -6.34 4.69
CA ASN C 269 22.63 -7.63 4.76
C ASN C 269 21.25 -7.51 4.09
N LEU C 270 21.08 -8.20 2.96
CA LEU C 270 19.84 -8.14 2.21
C LEU C 270 19.25 -9.53 2.01
N VAL C 271 19.13 -10.32 3.09
CA VAL C 271 18.72 -11.72 2.96
C VAL C 271 17.21 -11.83 2.74
N CYS C 272 16.49 -10.71 2.79
CA CYS C 272 15.10 -10.77 2.36
C CYS C 272 14.96 -10.97 0.85
N ALA C 273 16.05 -10.80 0.10
CA ALA C 273 16.09 -11.15 -1.31
C ALA C 273 16.84 -12.47 -1.48
N ASN C 274 16.36 -13.32 -2.39
CA ASN C 274 17.08 -14.55 -2.71
C ASN C 274 17.36 -14.68 -4.21
N ASN C 275 17.30 -13.56 -4.94
CA ASN C 275 17.65 -13.51 -6.35
C ASN C 275 18.58 -12.32 -6.58
N VAL C 276 19.59 -12.51 -7.43
CA VAL C 276 20.56 -11.46 -7.73
C VAL C 276 20.75 -11.44 -9.24
N ILE C 277 20.70 -10.24 -9.83
CA ILE C 277 20.99 -10.04 -11.24
C ILE C 277 22.24 -9.17 -11.34
N ILE C 278 23.27 -9.72 -11.98
CA ILE C 278 24.50 -8.99 -12.29
C ILE C 278 24.29 -8.44 -13.70
N PHE C 279 23.95 -7.16 -13.79
CA PHE C 279 23.60 -6.57 -15.08
C PHE C 279 24.82 -6.47 -16.00
N ASP C 280 26.00 -6.30 -15.42
CA ASP C 280 27.24 -6.27 -16.19
C ASP C 280 28.33 -6.75 -15.23
N GLN C 281 29.12 -7.71 -15.65
CA GLN C 281 29.98 -8.32 -14.66
C GLN C 281 31.26 -7.52 -14.49
N SER C 282 31.90 -7.73 -13.34
CA SER C 282 33.19 -7.11 -13.08
C SER C 282 34.31 -7.92 -13.70
N PHE C 283 35.41 -7.23 -14.04
CA PHE C 283 36.60 -7.94 -14.47
C PHE C 283 37.24 -8.69 -13.32
N ASN C 284 36.89 -8.33 -12.08
CA ASN C 284 37.32 -9.06 -10.89
C ASN C 284 36.13 -9.84 -10.32
N PRO C 285 36.08 -11.16 -10.52
CA PRO C 285 34.94 -11.95 -10.01
C PRO C 285 34.72 -11.85 -8.51
N HIS C 286 35.74 -11.51 -7.71
CA HIS C 286 35.52 -11.30 -6.29
C HIS C 286 34.43 -10.25 -6.04
N ASP C 287 34.36 -9.22 -6.90
CA ASP C 287 33.38 -8.15 -6.71
C ASP C 287 31.96 -8.67 -6.87
N ASP C 288 31.73 -9.51 -7.87
CA ASP C 288 30.41 -10.07 -8.10
C ASP C 288 30.04 -11.14 -7.08
N ARG C 289 31.03 -11.82 -6.49
CA ARG C 289 30.73 -12.73 -5.38
C ARG C 289 30.36 -11.96 -4.12
N GLN C 290 31.07 -10.87 -3.85
CA GLN C 290 30.72 -10.02 -2.74
C GLN C 290 29.32 -9.46 -2.91
N ALA C 291 28.95 -9.12 -4.15
CA ALA C 291 27.61 -8.61 -4.42
C ALA C 291 26.55 -9.68 -4.16
N ALA C 292 26.73 -10.88 -4.73
CA ALA C 292 25.82 -12.00 -4.46
C ALA C 292 25.75 -12.33 -2.98
N ASP C 293 26.87 -12.24 -2.26
CA ASP C 293 26.79 -12.52 -0.83
C ASP C 293 26.11 -11.41 -0.03
N ARG C 294 25.48 -10.38 -0.62
CA ARG C 294 24.54 -9.59 0.17
C ARG C 294 23.29 -10.40 0.47
N ALA C 295 22.95 -11.35 -0.40
CA ALA C 295 21.80 -12.23 -0.26
C ALA C 295 22.17 -13.61 0.26
N HIS C 296 23.28 -14.18 -0.21
CA HIS C 296 23.76 -15.48 0.22
C HIS C 296 24.69 -15.27 1.40
N ARG C 297 24.10 -15.21 2.59
CA ARG C 297 24.87 -15.01 3.82
C ARG C 297 24.01 -15.45 4.99
N VAL C 298 24.60 -15.40 6.19
CA VAL C 298 23.94 -15.95 7.38
C VAL C 298 22.64 -15.22 7.63
N GLY C 299 21.57 -15.99 7.82
CA GLY C 299 20.22 -15.49 7.92
C GLY C 299 19.37 -15.83 6.73
N GLN C 300 20.00 -16.18 5.60
CA GLN C 300 19.28 -16.59 4.42
C GLN C 300 18.63 -17.95 4.66
N THR C 301 17.38 -18.09 4.22
CA THR C 301 16.63 -19.32 4.40
C THR C 301 16.21 -19.97 3.10
N LYS C 302 16.48 -19.35 1.95
CA LYS C 302 16.11 -19.90 0.66
C LYS C 302 17.36 -20.11 -0.20
N GLU C 303 17.18 -20.78 -1.30
CA GLU C 303 18.25 -20.98 -2.25
C GLU C 303 18.35 -19.65 -2.99
N VAL C 304 19.55 -19.14 -3.16
CA VAL C 304 19.84 -17.89 -3.85
C VAL C 304 20.21 -18.17 -5.30
N ASN C 305 19.51 -17.55 -6.25
CA ASN C 305 19.80 -17.73 -7.66
C ASN C 305 20.36 -16.45 -8.25
N ILE C 306 21.59 -16.55 -8.76
CA ILE C 306 22.32 -15.43 -9.35
C ILE C 306 22.42 -15.58 -10.84
N THR C 307 22.08 -14.51 -11.56
CA THR C 307 22.15 -14.53 -13.02
C THR C 307 22.99 -13.34 -13.49
N THR C 308 23.94 -13.61 -14.38
CA THR C 308 24.79 -12.57 -14.97
C THR C 308 24.37 -12.40 -16.43
N LEU C 309 24.13 -11.17 -16.83
CA LEU C 309 23.72 -10.93 -18.19
C LEU C 309 24.93 -10.69 -19.06
N ILE C 310 25.05 -11.49 -20.11
CA ILE C 310 26.19 -11.35 -21.02
C ILE C 310 25.71 -11.18 -22.45
N THR C 311 26.16 -10.11 -23.11
CA THR C 311 25.77 -9.86 -24.46
C THR C 311 26.59 -10.68 -25.47
N LYS C 312 25.87 -11.41 -26.31
CA LYS C 312 26.48 -12.25 -27.32
C LYS C 312 27.23 -11.48 -28.38
N ASP C 313 28.37 -12.03 -28.78
CA ASP C 313 29.23 -11.44 -29.79
C ASP C 313 29.71 -10.03 -29.45
N SER C 314 30.05 -9.81 -28.19
CA SER C 314 30.51 -8.55 -27.72
C SER C 314 31.72 -8.75 -26.87
N ILE C 315 32.35 -7.66 -26.52
CA ILE C 315 33.50 -7.73 -25.63
C ILE C 315 33.16 -8.38 -24.29
N GLU C 316 31.87 -8.39 -23.89
CA GLU C 316 31.51 -8.99 -22.61
C GLU C 316 31.89 -10.47 -22.56
N GLU C 317 31.86 -11.15 -23.70
CA GLU C 317 32.29 -12.55 -23.74
C GLU C 317 33.79 -12.67 -23.45
N LYS C 318 34.60 -11.76 -23.98
CA LYS C 318 36.03 -11.79 -23.72
C LYS C 318 36.33 -11.47 -22.28
N ILE C 319 35.61 -10.49 -21.71
CA ILE C 319 35.78 -10.18 -20.29
C ILE C 319 35.46 -11.40 -19.44
N HIS C 320 34.33 -12.07 -19.73
CA HIS C 320 33.90 -13.24 -18.98
C HIS C 320 34.99 -14.31 -18.93
N GLN C 321 35.56 -14.64 -20.08
CA GLN C 321 36.52 -15.73 -20.16
C GLN C 321 37.92 -15.34 -19.68
N LEU C 322 38.20 -14.06 -19.46
CA LEU C 322 39.54 -13.65 -19.01
C LEU C 322 39.56 -12.95 -17.68
N ALA C 323 38.45 -12.97 -16.94
CA ALA C 323 38.39 -12.24 -15.68
C ALA C 323 39.41 -12.80 -14.68
N LYS C 324 40.05 -11.90 -13.93
CA LYS C 324 41.07 -12.33 -12.98
C LYS C 324 40.63 -12.01 -11.56
N ASN C 325 40.52 -13.10 -10.80
CA ASN C 325 40.05 -13.04 -9.42
C ASN C 325 41.17 -12.58 -8.49
N LYS C 326 40.92 -11.52 -7.74
CA LYS C 326 41.89 -10.97 -6.84
C LYS C 326 41.24 -10.19 -5.70
N LEU C 327 42.05 -9.71 -4.76
CA LEU C 327 41.59 -8.84 -3.68
C LEU C 327 42.29 -7.48 -3.81
N ALA C 328 41.51 -6.43 -4.02
CA ALA C 328 42.07 -5.11 -4.29
C ALA C 328 42.88 -4.58 -3.11
N LEU C 329 43.99 -3.91 -3.41
CA LEU C 329 44.82 -3.33 -2.36
C LEU C 329 44.15 -2.15 -1.67
N ASP C 330 43.16 -1.51 -2.32
CA ASP C 330 42.57 -0.31 -1.73
C ASP C 330 41.36 -0.60 -0.85
N SER C 331 41.23 -1.83 -0.37
CA SER C 331 40.10 -2.21 0.48
C SER C 331 39.99 -1.41 1.77
N ASP C 341 34.31 2.79 -13.93
CA ASP C 341 35.16 1.59 -13.95
C ASP C 341 35.88 1.50 -15.30
N VAL C 342 36.99 2.21 -15.40
CA VAL C 342 37.90 2.09 -16.52
C VAL C 342 38.91 1.00 -16.20
N LEU C 343 39.26 0.20 -17.18
CA LEU C 343 40.26 -0.83 -16.99
C LEU C 343 41.63 -0.20 -17.15
N GLU C 344 42.63 -0.81 -16.59
CA GLU C 344 43.98 -0.31 -16.68
C GLU C 344 44.54 -0.50 -18.08
N SER C 345 45.53 0.31 -18.40
CA SER C 345 46.12 0.29 -19.73
C SER C 345 46.54 -1.01 -20.31
N LYS C 346 47.25 -1.81 -19.53
CA LYS C 346 47.69 -3.09 -20.04
C LYS C 346 46.51 -4.01 -20.32
N VAL C 347 45.52 -4.01 -19.43
CA VAL C 347 44.34 -4.80 -19.66
C VAL C 347 43.56 -4.28 -20.88
N SER C 348 43.38 -2.97 -20.98
CA SER C 348 42.68 -2.42 -22.14
C SER C 348 43.42 -2.69 -23.44
N ASP C 349 44.75 -2.52 -23.44
CA ASP C 349 45.57 -2.88 -24.60
C ASP C 349 45.35 -4.34 -25.00
N MET C 350 45.41 -5.25 -24.02
CA MET C 350 45.22 -6.68 -24.29
C MET C 350 43.86 -6.96 -24.91
N LEU C 351 42.82 -6.30 -24.41
CA LEU C 351 41.48 -6.53 -24.95
C LEU C 351 41.36 -5.95 -26.35
N GLU C 352 41.92 -4.76 -26.60
CA GLU C 352 41.91 -4.22 -27.95
C GLU C 352 42.63 -5.17 -28.90
N ASP C 353 43.71 -5.80 -28.44
CA ASP C 353 44.51 -6.69 -29.29
C ASP C 353 43.73 -7.95 -29.64
N ILE C 354 43.01 -8.50 -28.66
CA ILE C 354 42.18 -9.68 -28.89
C ILE C 354 41.04 -9.37 -29.86
N ILE C 355 40.43 -8.19 -29.72
CA ILE C 355 39.36 -7.80 -30.65
C ILE C 355 39.92 -7.70 -32.06
N TYR C 356 41.06 -7.07 -32.20
CA TYR C 356 41.63 -6.86 -33.52
C TYR C 356 42.03 -8.20 -34.15
N ASP C 357 42.67 -9.06 -33.37
CA ASP C 357 43.09 -10.37 -33.87
C ASP C 357 41.90 -11.19 -34.35
N GLU C 358 40.78 -11.13 -33.64
CA GLU C 358 39.63 -11.93 -34.08
C GLU C 358 38.96 -11.34 -35.30
N LEU C 359 38.95 -10.01 -35.43
CA LEU C 359 38.45 -9.41 -36.67
C LEU C 359 39.31 -9.76 -37.87
N GLU C 360 40.63 -9.81 -37.68
CA GLU C 360 41.54 -10.17 -38.76
C GLU C 360 41.72 -11.67 -38.92
N HIS C 361 41.04 -12.50 -38.11
CA HIS C 361 41.12 -13.96 -38.16
C HIS C 361 42.55 -14.45 -37.95
N HIS C 362 43.24 -13.83 -37.01
CA HIS C 362 44.69 -13.92 -36.95
C HIS C 362 45.14 -13.97 -35.50
N HIS C 363 46.05 -14.90 -35.19
CA HIS C 363 46.56 -15.22 -33.84
C HIS C 363 45.60 -16.21 -33.20
N LEU D 46 -26.19 47.90 -18.78
CA LEU D 46 -25.30 46.93 -18.15
C LEU D 46 -23.86 47.42 -18.06
N PRO D 47 -23.23 47.17 -16.93
CA PRO D 47 -21.81 47.48 -16.80
C PRO D 47 -20.99 46.68 -17.79
N PRO D 48 -19.77 47.07 -18.05
CA PRO D 48 -18.98 46.34 -19.03
C PRO D 48 -18.67 44.90 -18.65
N LYS D 49 -18.51 44.06 -19.66
CA LYS D 49 -18.05 42.70 -19.45
C LYS D 49 -16.70 42.55 -20.16
N HIS D 50 -15.77 41.87 -19.50
CA HIS D 50 -14.42 41.67 -20.00
C HIS D 50 -14.19 40.17 -20.16
N THR D 51 -13.67 39.78 -21.32
CA THR D 51 -13.34 38.39 -21.60
C THR D 51 -11.82 38.25 -21.66
N HIS D 52 -11.31 37.17 -21.05
CA HIS D 52 -9.87 36.93 -20.98
C HIS D 52 -9.59 35.47 -21.24
N ILE D 53 -8.38 35.20 -21.72
CA ILE D 53 -7.86 33.83 -21.81
C ILE D 53 -6.71 33.73 -20.82
N GLN D 54 -6.74 32.70 -19.99
CA GLN D 54 -5.60 32.34 -19.15
C GLN D 54 -5.03 31.05 -19.69
N TYR D 55 -3.83 31.11 -20.25
CA TYR D 55 -3.16 29.91 -20.71
C TYR D 55 -2.58 29.16 -19.53
N CYS D 56 -2.56 27.83 -19.65
CA CYS D 56 -2.17 26.91 -18.60
C CYS D 56 -1.15 25.91 -19.15
N GLU D 57 -0.29 25.45 -18.30
CA GLU D 57 0.67 24.51 -18.74
C GLU D 57 0.20 23.08 -18.55
N LEU D 58 0.58 22.25 -19.51
CA LEU D 58 0.52 20.80 -19.28
C LEU D 58 1.63 20.45 -18.32
N ASN D 59 1.30 20.00 -17.11
CA ASN D 59 2.39 19.73 -16.19
C ASN D 59 3.06 18.40 -16.53
N ALA D 60 4.05 18.00 -15.74
CA ALA D 60 4.84 16.84 -16.10
C ALA D 60 4.00 15.57 -16.15
N ILE D 61 3.02 15.43 -15.25
CA ILE D 61 2.14 14.26 -15.27
C ILE D 61 1.23 14.31 -16.49
N GLN D 62 0.67 15.48 -16.79
CA GLN D 62 -0.21 15.61 -17.93
C GLN D 62 0.54 15.35 -19.22
N LYS D 63 1.79 15.81 -19.31
CA LYS D 63 2.58 15.59 -20.52
C LYS D 63 2.74 14.10 -20.81
N LYS D 64 2.98 13.30 -19.76
CA LYS D 64 3.13 11.86 -19.98
C LYS D 64 1.83 11.25 -20.51
N ILE D 65 0.70 11.60 -19.90
CA ILE D 65 -0.60 11.13 -20.36
C ILE D 65 -0.89 11.63 -21.77
N TYR D 66 -0.68 12.92 -22.00
CA TYR D 66 -1.02 13.52 -23.29
C TYR D 66 -0.16 12.93 -24.41
N ASP D 67 1.15 12.81 -24.17
CA ASP D 67 2.02 12.21 -25.19
C ASP D 67 1.60 10.77 -25.49
N LYS D 68 1.22 10.01 -24.47
CA LYS D 68 0.81 8.62 -24.70
C LYS D 68 -0.44 8.55 -25.57
N GLU D 69 -1.39 9.46 -25.37
CA GLU D 69 -2.59 9.52 -26.21
C GLU D 69 -2.26 9.96 -27.64
N ILE D 70 -1.40 10.98 -27.77
CA ILE D 70 -0.99 11.41 -29.10
C ILE D 70 -0.37 10.26 -29.88
N GLN D 71 0.42 9.42 -29.19
CA GLN D 71 1.00 8.26 -29.87
C GLN D 71 -0.09 7.33 -30.40
N ILE D 72 -1.21 7.19 -29.66
CA ILE D 72 -2.30 6.34 -30.16
C ILE D 72 -2.99 7.01 -31.34
N VAL D 73 -3.18 8.34 -31.25
CA VAL D 73 -3.75 9.09 -32.36
C VAL D 73 -2.94 8.87 -33.63
N LEU D 74 -1.61 8.95 -33.51
CA LEU D 74 -0.73 8.77 -34.65
C LEU D 74 -0.89 7.39 -35.26
N GLU D 75 -0.80 6.36 -34.43
CA GLU D 75 -1.02 4.99 -34.89
C GLU D 75 -2.40 4.81 -35.51
N HIS D 76 -3.41 5.45 -34.92
CA HIS D 76 -4.77 5.34 -35.43
C HIS D 76 -4.94 6.05 -36.77
N LYS D 77 -4.39 7.23 -36.90
CA LYS D 77 -4.51 7.99 -38.13
C LYS D 77 -3.82 7.29 -39.28
N ARG D 78 -2.71 6.71 -38.97
CA ARG D 78 -1.95 5.99 -39.93
C ARG D 78 -2.75 4.80 -40.43
N MET D 79 -3.44 4.12 -39.51
CA MET D 79 -4.23 2.95 -39.86
C MET D 79 -5.42 3.33 -40.73
N ILE D 80 -6.10 4.41 -40.38
CA ILE D 80 -7.28 4.87 -41.10
C ILE D 80 -7.07 5.53 -42.48
N LYS D 81 -5.88 6.08 -42.74
CA LYS D 81 -5.65 6.72 -44.01
C LYS D 81 -4.81 5.87 -44.93
N ASP D 82 -3.95 5.05 -44.36
CA ASP D 82 -3.08 4.17 -45.15
C ASP D 82 -3.15 2.74 -44.65
N GLY D 83 -2.11 1.96 -44.96
CA GLY D 83 -2.04 0.57 -44.55
C GLY D 83 -1.14 0.36 -43.36
N GLU D 84 -0.89 1.46 -42.62
CA GLU D 84 -0.05 1.37 -41.45
C GLU D 84 -0.68 0.95 -40.16
N LEU D 85 0.12 0.29 -39.36
CA LEU D 85 -0.48 -0.20 -38.12
C LEU D 85 0.54 -0.21 -36.99
N PRO D 86 0.11 -0.77 -35.79
CA PRO D 86 1.11 -0.76 -34.72
C PRO D 86 1.81 -2.12 -34.60
N LYS D 87 3.14 -2.10 -34.62
CA LYS D 87 3.92 -3.33 -34.51
C LYS D 87 3.58 -4.08 -33.21
N ASP D 88 3.74 -3.40 -32.09
CA ASP D 88 3.46 -4.00 -30.79
C ASP D 88 2.06 -4.62 -30.77
N ALA D 89 1.88 -5.63 -29.92
CA ALA D 89 0.60 -6.31 -29.79
C ALA D 89 -0.40 -5.48 -28.99
N LYS D 90 -0.02 -5.17 -27.75
CA LYS D 90 -0.88 -4.38 -26.87
C LYS D 90 -1.32 -3.09 -27.55
N GLU D 91 -0.36 -2.33 -28.06
CA GLU D 91 -0.64 -1.07 -28.73
C GLU D 91 -1.62 -1.26 -29.88
N LYS D 92 -1.45 -2.36 -30.62
CA LYS D 92 -2.31 -2.66 -31.75
C LYS D 92 -3.69 -3.12 -31.28
N SER D 93 -3.74 -3.70 -30.09
CA SER D 93 -4.99 -4.18 -29.52
C SER D 93 -5.86 -3.02 -29.04
N LYS D 94 -5.24 -1.88 -28.78
CA LYS D 94 -5.95 -0.70 -28.31
C LYS D 94 -6.70 -0.02 -29.46
N LEU D 95 -6.24 -0.20 -30.70
CA LEU D 95 -6.85 0.50 -31.83
C LEU D 95 -8.24 -0.01 -32.17
N GLN D 96 -8.58 -1.27 -31.82
CA GLN D 96 -9.86 -1.82 -32.23
C GLN D 96 -11.05 -1.06 -31.63
N SER D 97 -10.89 -0.54 -30.43
CA SER D 97 -11.93 0.24 -29.76
C SER D 97 -11.67 1.74 -29.85
N SER D 98 -10.77 2.17 -30.72
CA SER D 98 -10.41 3.57 -30.89
C SER D 98 -11.09 4.14 -32.12
N SER D 99 -11.58 5.36 -31.99
CA SER D 99 -12.10 6.14 -33.10
C SER D 99 -11.61 7.56 -32.91
N SER D 100 -11.78 8.38 -33.94
CA SER D 100 -11.46 9.80 -33.79
C SER D 100 -12.28 10.42 -32.66
N LYS D 101 -13.53 9.98 -32.49
CA LYS D 101 -14.40 10.56 -31.47
C LYS D 101 -13.84 10.35 -30.07
N ASN D 102 -13.48 9.11 -29.72
CA ASN D 102 -13.01 8.89 -28.34
C ASN D 102 -11.53 9.21 -28.14
N LEU D 103 -10.73 9.25 -29.20
CA LEU D 103 -9.37 9.77 -29.05
C LEU D 103 -9.38 11.28 -28.79
N ILE D 104 -10.18 12.03 -29.55
CA ILE D 104 -10.26 13.47 -29.29
C ILE D 104 -10.73 13.72 -27.87
N MET D 105 -11.66 12.89 -27.39
N MET D 105 -11.66 12.90 -27.39
CA MET D 105 -12.17 13.05 -26.04
CA MET D 105 -12.17 13.07 -26.03
C MET D 105 -11.07 12.83 -25.00
C MET D 105 -11.06 12.84 -25.00
N ALA D 106 -10.21 11.84 -25.22
CA ALA D 106 -9.11 11.60 -24.29
C ALA D 106 -8.12 12.76 -24.28
N LEU D 107 -7.85 13.37 -25.44
CA LEU D 107 -6.97 14.54 -25.44
C LEU D 107 -7.60 15.70 -24.69
N ARG D 108 -8.92 15.87 -24.82
CA ARG D 108 -9.57 16.95 -24.07
C ARG D 108 -9.41 16.72 -22.56
N LYS D 109 -9.58 15.47 -22.10
CA LYS D 109 -9.43 15.19 -20.66
C LYS D 109 -7.98 15.33 -20.20
N ALA D 110 -7.02 14.88 -21.02
CA ALA D 110 -5.61 15.05 -20.68
C ALA D 110 -5.22 16.51 -20.52
N SER D 111 -5.88 17.40 -21.28
CA SER D 111 -5.66 18.84 -21.12
C SER D 111 -6.21 19.40 -19.81
N LEU D 112 -7.07 18.65 -19.11
CA LEU D 112 -7.79 19.10 -17.92
C LEU D 112 -7.19 18.61 -16.61
N HIS D 113 -6.96 17.30 -16.48
CA HIS D 113 -6.57 16.76 -15.19
C HIS D 113 -6.10 15.31 -15.29
N PRO D 114 -4.95 14.97 -14.71
CA PRO D 114 -4.52 13.57 -14.71
C PRO D 114 -5.51 12.60 -14.08
N LEU D 115 -6.29 13.01 -13.07
CA LEU D 115 -7.14 12.04 -12.37
C LEU D 115 -8.37 11.63 -13.15
N LEU D 116 -8.55 12.19 -14.35
CA LEU D 116 -9.51 11.67 -15.30
C LEU D 116 -9.03 10.38 -15.98
N PHE D 117 -7.84 9.91 -15.63
CA PHE D 117 -7.25 8.72 -16.22
C PHE D 117 -6.91 7.73 -15.11
N ARG D 118 -6.79 6.45 -15.46
CA ARG D 118 -6.22 5.48 -14.54
C ARG D 118 -4.73 5.32 -14.79
N ASN D 119 -3.90 5.86 -13.88
CA ASN D 119 -2.45 5.71 -13.96
C ASN D 119 -1.85 5.34 -12.61
N ILE D 120 -2.21 6.10 -11.58
CA ILE D 120 -1.73 5.81 -10.22
C ILE D 120 -2.17 4.41 -9.81
N TYR D 121 -3.44 4.08 -10.05
CA TYR D 121 -3.98 2.78 -9.68
C TYR D 121 -3.71 1.81 -10.81
N ASN D 122 -2.46 1.35 -10.90
CA ASN D 122 -2.08 0.49 -12.02
C ASN D 122 -2.66 -0.91 -11.84
N ASP D 123 -2.42 -1.78 -12.83
CA ASP D 123 -3.02 -3.11 -12.84
C ASP D 123 -2.66 -3.91 -11.59
N LYS D 124 -1.46 -3.73 -11.08
CA LYS D 124 -1.08 -4.46 -9.88
C LYS D 124 -1.77 -3.92 -8.64
N ILE D 125 -1.99 -2.61 -8.60
CA ILE D 125 -2.63 -2.04 -7.43
C ILE D 125 -4.12 -2.40 -7.39
N ILE D 126 -4.78 -2.41 -8.54
CA ILE D 126 -6.19 -2.76 -8.53
C ILE D 126 -6.38 -4.26 -8.31
N THR D 127 -5.41 -5.08 -8.72
CA THR D 127 -5.46 -6.50 -8.35
C THR D 127 -5.51 -6.67 -6.84
N LYS D 128 -4.68 -5.92 -6.12
CA LYS D 128 -4.68 -6.02 -4.65
C LYS D 128 -5.96 -5.42 -4.07
N MET D 129 -6.42 -4.30 -4.63
CA MET D 129 -7.66 -3.69 -4.14
C MET D 129 -8.84 -4.63 -4.34
N SER D 130 -8.87 -5.35 -5.46
CA SER D 130 -9.99 -6.23 -5.77
C SER D 130 -10.00 -7.48 -4.88
N ASP D 131 -8.83 -7.91 -4.41
CA ASP D 131 -8.79 -8.93 -3.37
C ASP D 131 -9.21 -8.36 -2.01
N ALA D 132 -8.82 -7.11 -1.72
CA ALA D 132 -9.08 -6.54 -0.41
C ALA D 132 -10.56 -6.21 -0.22
N ILE D 133 -11.23 -5.70 -1.26
CA ILE D 133 -12.61 -5.27 -1.12
C ILE D 133 -13.54 -6.45 -0.83
N LEU D 134 -13.11 -7.68 -1.13
CA LEU D 134 -13.94 -8.84 -0.88
C LEU D 134 -14.23 -9.04 0.61
N ASP D 135 -13.46 -8.40 1.49
CA ASP D 135 -13.73 -8.43 2.94
C ASP D 135 -14.91 -7.54 3.33
N GLU D 136 -15.40 -6.65 2.43
CA GLU D 136 -16.50 -5.77 2.80
C GLU D 136 -17.83 -6.54 2.75
N PRO D 137 -18.79 -6.16 3.59
CA PRO D 137 -20.08 -6.88 3.58
C PRO D 137 -20.74 -6.97 2.22
N ALA D 138 -20.76 -5.87 1.46
CA ALA D 138 -21.51 -5.82 0.22
C ALA D 138 -20.98 -6.79 -0.84
N TYR D 139 -19.71 -7.18 -0.76
CA TYR D 139 -19.09 -8.01 -1.79
C TYR D 139 -18.63 -9.37 -1.30
N ALA D 140 -18.68 -9.62 -0.02
CA ALA D 140 -18.18 -10.90 0.46
C ALA D 140 -18.92 -12.13 -0.03
N GLU D 141 -20.23 -12.11 0.07
CA GLU D 141 -21.00 -13.30 -0.29
C GLU D 141 -20.85 -13.63 -1.77
N ASN D 142 -21.06 -12.66 -2.65
CA ASN D 142 -21.18 -12.90 -4.08
C ASN D 142 -20.03 -12.33 -4.90
N GLY D 143 -19.03 -11.74 -4.27
CA GLY D 143 -17.99 -11.06 -5.03
C GLY D 143 -17.13 -12.03 -5.81
N ASN D 144 -16.79 -11.62 -7.04
CA ASN D 144 -15.84 -12.30 -7.91
C ASN D 144 -14.65 -11.37 -8.08
N LYS D 145 -13.46 -11.82 -7.66
CA LYS D 145 -12.28 -10.94 -7.69
C LYS D 145 -11.89 -10.56 -9.11
N GLU D 146 -12.12 -11.42 -10.07
CA GLU D 146 -11.79 -11.13 -11.42
C GLU D 146 -12.73 -10.06 -12.03
N TYR D 147 -14.01 -10.15 -11.72
CA TYR D 147 -14.96 -9.17 -12.25
C TYR D 147 -14.76 -7.81 -11.60
N ILE D 148 -14.47 -7.79 -10.30
CA ILE D 148 -14.22 -6.54 -9.59
C ILE D 148 -12.99 -5.86 -10.16
N LYS D 149 -11.95 -6.64 -10.49
CA LYS D 149 -10.75 -6.07 -11.07
C LYS D 149 -11.05 -5.48 -12.46
N GLU D 150 -11.87 -6.18 -13.26
CA GLU D 150 -12.24 -5.64 -14.57
C GLU D 150 -13.02 -4.33 -14.44
N ASP D 151 -13.94 -4.26 -13.48
CA ASP D 151 -14.66 -3.00 -13.24
C ASP D 151 -13.69 -1.90 -12.84
N MET D 152 -12.76 -2.21 -11.94
CA MET D 152 -11.77 -1.22 -11.51
C MET D 152 -10.91 -0.75 -12.69
N SER D 153 -10.63 -1.64 -13.65
CA SER D 153 -9.76 -1.27 -14.75
C SER D 153 -10.35 -0.16 -15.64
N TYR D 154 -11.68 -0.01 -15.67
CA TYR D 154 -12.30 1.07 -16.44
C TYR D 154 -12.59 2.32 -15.62
N MET D 155 -12.28 2.33 -14.33
CA MET D 155 -12.48 3.52 -13.54
C MET D 155 -11.27 4.44 -13.64
N THR D 156 -11.47 5.69 -13.26
CA THR D 156 -10.37 6.64 -13.23
C THR D 156 -9.70 6.63 -11.87
N ASP D 157 -8.51 7.25 -11.83
CA ASP D 157 -7.82 7.40 -10.57
C ASP D 157 -8.69 8.11 -9.55
N PHE D 158 -9.43 9.15 -9.97
CA PHE D 158 -10.27 9.85 -9.00
C PHE D 158 -11.43 8.97 -8.55
N GLU D 159 -12.05 8.22 -9.47
CA GLU D 159 -13.11 7.29 -9.09
C GLU D 159 -12.59 6.24 -8.11
N LEU D 160 -11.38 5.72 -8.34
CA LEU D 160 -10.82 4.71 -7.44
C LEU D 160 -10.47 5.31 -6.09
N HIS D 161 -9.96 6.56 -6.08
CA HIS D 161 -9.75 7.21 -4.79
C HIS D 161 -11.05 7.33 -4.01
N LYS D 162 -12.14 7.74 -4.68
CA LYS D 162 -13.42 7.86 -3.98
C LYS D 162 -13.91 6.50 -3.50
N LEU D 163 -13.70 5.46 -4.31
CA LEU D 163 -14.06 4.11 -3.86
C LEU D 163 -13.32 3.75 -2.58
N CYS D 164 -12.01 4.02 -2.53
CA CYS D 164 -11.22 3.75 -1.34
C CYS D 164 -11.73 4.52 -0.12
N CYS D 165 -12.22 5.75 -0.33
CA CYS D 165 -12.78 6.54 0.75
C CYS D 165 -14.07 5.95 1.29
N ASN D 166 -14.85 5.29 0.44
CA ASN D 166 -16.14 4.74 0.85
C ASN D 166 -16.00 3.44 1.63
N PHE D 167 -14.87 2.75 1.50
CA PHE D 167 -14.64 1.46 2.15
C PHE D 167 -13.32 1.55 2.92
N PRO D 168 -13.27 2.39 3.95
CA PRO D 168 -11.99 2.59 4.65
C PRO D 168 -11.48 1.33 5.35
N ASN D 169 -12.38 0.44 5.74
CA ASN D 169 -11.96 -0.73 6.50
C ASN D 169 -11.06 -1.64 5.69
N THR D 170 -11.26 -1.71 4.36
CA THR D 170 -10.41 -2.53 3.52
C THR D 170 -9.48 -1.75 2.59
N LEU D 171 -9.79 -0.50 2.26
CA LEU D 171 -9.07 0.19 1.20
C LEU D 171 -8.42 1.50 1.66
N SER D 172 -8.42 1.80 2.95
CA SER D 172 -7.88 3.09 3.40
C SER D 172 -6.44 3.28 2.95
N LYS D 173 -5.64 2.21 2.99
CA LYS D 173 -4.23 2.35 2.60
C LYS D 173 -4.05 2.64 1.11
N TYR D 174 -5.09 2.52 0.29
CA TYR D 174 -5.00 2.80 -1.14
C TYR D 174 -5.50 4.20 -1.51
N GLN D 175 -6.11 4.92 -0.58
CA GLN D 175 -6.54 6.29 -0.85
C GLN D 175 -5.35 7.15 -1.26
N LEU D 176 -5.62 8.14 -2.10
CA LEU D 176 -4.65 9.19 -2.37
C LEU D 176 -4.55 10.14 -1.18
N HIS D 177 -3.32 10.45 -0.76
CA HIS D 177 -3.09 11.33 0.38
C HIS D 177 -1.92 12.28 0.10
N ASN D 178 -1.80 12.74 -1.13
CA ASN D 178 -0.73 13.60 -1.57
C ASN D 178 -1.17 14.76 -2.46
N ASP D 179 -2.38 15.25 -2.22
CA ASP D 179 -2.92 16.38 -2.97
C ASP D 179 -2.87 16.15 -4.48
N GLU D 180 -3.02 14.89 -4.92
CA GLU D 180 -2.98 14.58 -6.34
C GLU D 180 -4.06 15.32 -7.12
N TRP D 181 -5.16 15.67 -6.46
CA TRP D 181 -6.21 16.45 -7.14
C TRP D 181 -5.78 17.89 -7.39
N MET D 182 -4.75 18.37 -6.70
CA MET D 182 -4.23 19.69 -7.00
C MET D 182 -3.26 19.70 -8.18
N GLN D 183 -2.81 18.55 -8.65
CA GLN D 183 -1.64 18.52 -9.55
C GLN D 183 -2.13 18.49 -11.00
N SER D 184 -2.45 19.67 -11.50
CA SER D 184 -2.82 19.89 -12.88
C SER D 184 -2.54 21.35 -13.18
N GLY D 185 -2.10 21.64 -14.40
CA GLY D 185 -1.80 23.01 -14.75
C GLY D 185 -3.00 23.92 -14.69
N LYS D 186 -4.19 23.38 -14.97
CA LYS D 186 -5.41 24.18 -14.83
C LYS D 186 -5.74 24.46 -13.38
N ILE D 187 -5.36 23.57 -12.46
CA ILE D 187 -5.63 23.85 -11.06
C ILE D 187 -4.64 24.89 -10.52
N ASP D 188 -3.38 24.84 -10.97
CA ASP D 188 -2.44 25.92 -10.64
C ASP D 188 -2.99 27.27 -11.07
N ALA D 189 -3.49 27.37 -12.30
CA ALA D 189 -4.07 28.61 -12.78
C ALA D 189 -5.30 28.99 -11.98
N LEU D 190 -6.15 28.01 -11.65
CA LEU D 190 -7.41 28.32 -10.98
C LEU D 190 -7.17 28.88 -9.58
N LYS D 191 -6.17 28.34 -8.89
CA LYS D 191 -5.89 28.71 -7.51
C LYS D 191 -5.41 30.15 -7.43
N LYS D 192 -4.61 30.59 -8.41
CA LYS D 192 -4.17 31.98 -8.46
C LYS D 192 -5.34 32.91 -8.75
N LEU D 193 -6.21 32.51 -9.68
CA LEU D 193 -7.37 33.31 -10.03
C LEU D 193 -8.37 33.39 -8.88
N LEU D 194 -8.63 32.26 -8.22
CA LEU D 194 -9.55 32.27 -7.09
C LEU D 194 -9.05 33.19 -5.98
N LYS D 195 -7.74 33.21 -5.74
CA LYS D 195 -7.23 34.06 -4.67
C LYS D 195 -7.44 35.54 -4.98
N THR D 196 -7.16 35.96 -6.22
CA THR D 196 -7.45 37.33 -6.61
C THR D 196 -8.93 37.66 -6.41
N ILE D 197 -9.83 36.79 -6.86
CA ILE D 197 -11.26 37.08 -6.79
C ILE D 197 -11.73 37.13 -5.35
N ILE D 198 -11.42 36.07 -4.58
CA ILE D 198 -12.04 35.86 -3.28
C ILE D 198 -11.32 36.63 -2.19
N VAL D 199 -9.99 36.60 -2.18
CA VAL D 199 -9.23 37.24 -1.11
C VAL D 199 -9.05 38.72 -1.38
N ASP D 200 -8.55 39.08 -2.57
CA ASP D 200 -8.25 40.48 -2.87
C ASP D 200 -9.50 41.29 -3.16
N LYS D 201 -10.32 40.84 -4.11
CA LYS D 201 -11.51 41.61 -4.48
C LYS D 201 -12.71 41.34 -3.58
N GLN D 202 -12.69 40.23 -2.84
CA GLN D 202 -13.81 39.78 -2.01
C GLN D 202 -15.09 39.67 -2.83
N GLU D 203 -14.99 38.96 -3.96
CA GLU D 203 -16.10 38.79 -4.87
C GLU D 203 -16.50 37.32 -4.98
N LYS D 204 -17.59 37.08 -5.69
CA LYS D 204 -18.08 35.72 -5.93
C LYS D 204 -17.81 35.33 -7.37
N VAL D 205 -17.76 34.01 -7.61
CA VAL D 205 -17.36 33.49 -8.91
C VAL D 205 -18.18 32.26 -9.26
N LEU D 206 -18.48 32.11 -10.55
CA LEU D 206 -19.06 30.91 -11.13
C LEU D 206 -17.99 30.16 -11.90
N ILE D 207 -17.94 28.84 -11.73
CA ILE D 207 -17.00 27.99 -12.45
C ILE D 207 -17.81 26.97 -13.24
N PHE D 208 -17.61 26.94 -14.57
CA PHE D 208 -18.37 26.09 -15.47
C PHE D 208 -17.47 25.01 -16.08
N SER D 209 -18.03 23.82 -16.29
CA SER D 209 -17.31 22.73 -16.96
C SER D 209 -18.31 21.93 -17.76
N LEU D 210 -17.87 21.44 -18.91
CA LEU D 210 -18.68 20.47 -19.65
C LEU D 210 -18.56 19.05 -19.11
N PHE D 211 -17.69 18.81 -18.14
CA PHE D 211 -17.37 17.45 -17.67
C PHE D 211 -17.79 17.32 -16.22
N THR D 212 -18.78 16.45 -15.95
N THR D 212 -18.77 16.45 -15.96
CA THR D 212 -19.19 16.26 -14.56
CA THR D 212 -19.22 16.21 -14.59
C THR D 212 -18.05 15.71 -13.73
C THR D 212 -18.09 15.65 -13.73
N GLN D 213 -17.15 14.91 -14.33
CA GLN D 213 -16.02 14.37 -13.59
C GLN D 213 -15.07 15.47 -13.15
N VAL D 214 -14.96 16.52 -13.96
CA VAL D 214 -14.16 17.68 -13.59
C VAL D 214 -14.78 18.37 -12.38
N LEU D 215 -16.11 18.53 -12.37
CA LEU D 215 -16.79 19.11 -11.21
C LEU D 215 -16.53 18.28 -9.96
N ASP D 216 -16.53 16.95 -10.08
CA ASP D 216 -16.27 16.09 -8.93
C ASP D 216 -14.89 16.35 -8.35
N ILE D 217 -13.89 16.46 -9.24
CA ILE D 217 -12.53 16.76 -8.81
C ILE D 217 -12.46 18.15 -8.18
N LEU D 218 -13.15 19.13 -8.77
CA LEU D 218 -13.12 20.48 -8.22
C LEU D 218 -13.64 20.52 -6.79
N GLU D 219 -14.60 19.66 -6.44
CA GLU D 219 -15.05 19.62 -5.05
C GLU D 219 -13.91 19.33 -4.08
N MET D 220 -13.01 18.41 -4.43
CA MET D 220 -11.88 18.13 -3.54
C MET D 220 -10.85 19.26 -3.59
N VAL D 221 -10.66 19.83 -4.77
CA VAL D 221 -9.78 21.00 -4.90
C VAL D 221 -10.23 22.14 -4.00
N LEU D 222 -11.53 22.45 -4.04
CA LEU D 222 -12.01 23.62 -3.30
C LEU D 222 -11.97 23.39 -1.80
N SER D 223 -12.21 22.16 -1.35
CA SER D 223 -12.07 21.84 0.06
C SER D 223 -10.63 22.00 0.52
N THR D 224 -9.67 21.52 -0.27
CA THR D 224 -8.25 21.68 0.07
C THR D 224 -7.86 23.15 0.11
N LEU D 225 -8.36 23.95 -0.83
CA LEU D 225 -8.11 25.39 -0.78
C LEU D 225 -8.89 26.09 0.32
N ASP D 226 -9.81 25.39 0.98
CA ASP D 226 -10.62 25.94 2.08
C ASP D 226 -11.59 27.02 1.60
N TYR D 227 -12.21 26.79 0.43
CA TYR D 227 -13.26 27.64 -0.10
C TYR D 227 -14.58 26.87 -0.10
N LYS D 228 -15.63 27.47 0.47
CA LYS D 228 -16.96 26.86 0.42
C LYS D 228 -17.56 27.08 -0.96
N PHE D 229 -18.40 26.14 -1.39
CA PHE D 229 -18.99 26.21 -2.72
C PHE D 229 -20.36 25.55 -2.69
N LEU D 230 -21.16 25.89 -3.69
CA LEU D 230 -22.39 25.17 -4.00
C LEU D 230 -22.27 24.61 -5.42
N ARG D 231 -23.07 23.60 -5.72
CA ARG D 231 -22.99 22.96 -7.03
C ARG D 231 -24.38 22.85 -7.65
N LEU D 232 -24.47 23.17 -8.93
CA LEU D 232 -25.72 22.97 -9.68
C LEU D 232 -25.38 22.44 -11.06
N ASP D 233 -25.90 21.27 -11.41
CA ASP D 233 -25.65 20.66 -12.72
C ASP D 233 -26.94 20.04 -13.23
N GLY D 234 -26.85 19.21 -14.27
CA GLY D 234 -28.05 18.62 -14.86
C GLY D 234 -28.65 17.48 -14.05
N SER D 235 -27.94 16.98 -13.05
CA SER D 235 -28.51 16.02 -12.12
C SER D 235 -29.32 16.69 -11.02
N THR D 236 -29.08 17.96 -10.77
CA THR D 236 -29.81 18.63 -9.72
C THR D 236 -31.30 18.62 -9.99
N GLN D 237 -32.08 18.26 -8.97
CA GLN D 237 -33.51 18.22 -9.13
C GLN D 237 -33.94 19.65 -9.37
N VAL D 238 -34.93 19.83 -10.22
CA VAL D 238 -35.37 21.14 -10.56
C VAL D 238 -35.82 21.86 -9.30
N ASN D 239 -36.43 21.08 -8.42
CA ASN D 239 -36.92 21.59 -7.16
C ASN D 239 -35.87 22.12 -6.22
N ASP D 240 -34.69 21.52 -6.27
CA ASP D 240 -33.59 21.96 -5.47
C ASP D 240 -32.85 23.22 -5.97
N ARG D 241 -33.05 23.62 -7.21
CA ARG D 241 -32.29 24.71 -7.76
C ARG D 241 -32.45 26.03 -7.04
N GLN D 242 -33.66 26.36 -6.70
CA GLN D 242 -33.89 27.69 -6.13
C GLN D 242 -33.20 27.85 -4.78
N LEU D 243 -33.26 26.83 -3.93
CA LEU D 243 -32.67 26.94 -2.60
C LEU D 243 -31.14 27.03 -2.68
N LEU D 244 -30.52 26.27 -3.59
CA LEU D 244 -29.08 26.43 -3.81
C LEU D 244 -28.77 27.86 -4.24
N ILE D 245 -29.57 28.40 -5.15
CA ILE D 245 -29.34 29.76 -5.62
C ILE D 245 -29.53 30.76 -4.49
N ASP D 246 -30.59 30.59 -3.69
CA ASP D 246 -30.84 31.52 -2.58
C ASP D 246 -29.65 31.57 -1.63
N LYS D 247 -29.13 30.40 -1.23
CA LYS D 247 -27.98 30.34 -0.33
C LYS D 247 -26.77 31.06 -0.91
N PHE D 248 -26.55 30.94 -2.23
CA PHE D 248 -25.43 31.64 -2.85
C PHE D 248 -25.58 33.15 -2.73
N TYR D 249 -26.81 33.67 -2.87
CA TYR D 249 -27.04 35.09 -2.66
C TYR D 249 -26.87 35.47 -1.21
N GLU D 250 -27.44 34.68 -0.30
CA GLU D 250 -27.57 35.07 1.10
C GLU D 250 -26.27 34.91 1.89
N ASP D 251 -25.48 33.88 1.59
CA ASP D 251 -24.36 33.48 2.45
C ASP D 251 -23.07 34.13 1.95
N LYS D 252 -22.55 35.08 2.72
CA LYS D 252 -21.31 35.76 2.37
C LYS D 252 -20.08 34.86 2.52
N ASP D 253 -20.26 33.66 3.08
CA ASP D 253 -19.15 32.74 3.29
C ASP D 253 -19.06 31.67 2.19
N ILE D 254 -19.90 31.73 1.17
CA ILE D 254 -19.83 30.77 0.05
C ILE D 254 -19.43 31.55 -1.20
N PRO D 255 -18.12 31.63 -1.50
CA PRO D 255 -17.71 32.46 -2.64
C PRO D 255 -17.95 31.82 -4.00
N ILE D 256 -18.11 30.50 -4.10
CA ILE D 256 -18.02 29.81 -5.38
C ILE D 256 -19.30 29.02 -5.66
N PHE D 257 -19.80 29.13 -6.89
CA PHE D 257 -20.81 28.24 -7.45
C PHE D 257 -20.14 27.47 -8.57
N ILE D 258 -20.16 26.14 -8.53
CA ILE D 258 -19.65 25.33 -9.64
C ILE D 258 -20.83 24.72 -10.38
N LEU D 259 -20.79 24.78 -11.71
CA LEU D 259 -21.93 24.40 -12.52
C LEU D 259 -21.49 23.68 -13.77
N SER D 260 -22.38 22.85 -14.29
CA SER D 260 -22.19 22.37 -15.64
C SER D 260 -22.45 23.53 -16.59
N THR D 261 -21.68 23.58 -17.68
CA THR D 261 -21.90 24.61 -18.69
C THR D 261 -23.36 24.63 -19.16
N LYS D 262 -23.99 23.45 -19.22
CA LYS D 262 -25.37 23.36 -19.67
C LYS D 262 -26.33 24.13 -18.76
N ALA D 263 -25.92 24.43 -17.52
CA ALA D 263 -26.75 25.24 -16.62
C ALA D 263 -26.93 26.66 -17.14
N GLY D 264 -26.06 27.11 -18.06
CA GLY D 264 -26.31 28.35 -18.77
C GLY D 264 -27.65 28.40 -19.48
N GLY D 265 -28.21 27.23 -19.83
CA GLY D 265 -29.50 27.17 -20.48
C GLY D 265 -30.70 27.03 -19.58
N PHE D 266 -30.51 27.10 -18.26
CA PHE D 266 -31.56 26.86 -17.28
C PHE D 266 -32.34 28.11 -16.91
N GLY D 267 -32.03 29.27 -17.51
CA GLY D 267 -32.72 30.50 -17.20
C GLY D 267 -32.51 31.03 -15.80
N ILE D 268 -31.41 30.64 -15.14
CA ILE D 268 -31.17 31.06 -13.76
C ILE D 268 -30.42 32.38 -13.74
N ASN D 269 -30.54 33.09 -12.62
CA ASN D 269 -30.00 34.44 -12.48
C ASN D 269 -29.02 34.43 -11.31
N LEU D 270 -27.76 34.70 -11.60
CA LEU D 270 -26.70 34.59 -10.61
C LEU D 270 -25.89 35.88 -10.52
N VAL D 271 -26.56 37.05 -10.58
CA VAL D 271 -25.84 38.32 -10.63
C VAL D 271 -25.10 38.68 -9.34
N CYS D 272 -25.26 37.92 -8.25
CA CYS D 272 -24.41 38.20 -7.09
C CYS D 272 -22.96 37.80 -7.33
N ALA D 273 -22.70 37.01 -8.37
CA ALA D 273 -21.34 36.78 -8.85
C ALA D 273 -21.05 37.75 -9.99
N ASN D 274 -19.85 38.31 -9.99
CA ASN D 274 -19.44 39.11 -11.14
C ASN D 274 -18.17 38.56 -11.78
N ASN D 275 -17.81 37.31 -11.47
CA ASN D 275 -16.67 36.65 -12.09
C ASN D 275 -17.13 35.29 -12.60
N VAL D 276 -16.63 34.92 -13.78
CA VAL D 276 -16.98 33.67 -14.44
C VAL D 276 -15.67 33.02 -14.90
N ILE D 277 -15.49 31.74 -14.59
CA ILE D 277 -14.32 30.98 -15.03
C ILE D 277 -14.83 29.83 -15.88
N ILE D 278 -14.48 29.84 -17.16
CA ILE D 278 -14.78 28.74 -18.07
C ILE D 278 -13.62 27.75 -17.94
N PHE D 279 -13.80 26.70 -17.15
CA PHE D 279 -12.70 25.78 -16.89
C PHE D 279 -12.29 25.02 -18.15
N ASP D 280 -13.23 24.73 -19.05
CA ASP D 280 -12.96 24.08 -20.32
C ASP D 280 -14.03 24.57 -21.31
N GLN D 281 -13.60 25.01 -22.48
CA GLN D 281 -14.55 25.72 -23.30
C GLN D 281 -15.38 24.76 -24.14
N SER D 282 -16.55 25.24 -24.56
CA SER D 282 -17.40 24.47 -25.45
C SER D 282 -16.96 24.64 -26.90
N PHE D 283 -17.26 23.63 -27.72
CA PHE D 283 -17.00 23.80 -29.15
C PHE D 283 -18.03 24.72 -29.79
N ASN D 284 -19.18 24.93 -29.14
CA ASN D 284 -20.13 25.94 -29.59
C ASN D 284 -20.03 27.13 -28.65
N PRO D 285 -19.44 28.25 -29.08
CA PRO D 285 -19.28 29.40 -28.17
C PRO D 285 -20.57 29.91 -27.58
N HIS D 286 -21.72 29.64 -28.21
CA HIS D 286 -23.00 30.06 -27.64
C HIS D 286 -23.24 29.47 -26.25
N ASP D 287 -22.75 28.25 -26.01
CA ASP D 287 -22.86 27.62 -24.69
C ASP D 287 -22.12 28.42 -23.63
N ASP D 288 -20.90 28.85 -23.93
CA ASP D 288 -20.14 29.62 -22.95
C ASP D 288 -20.69 31.03 -22.80
N ARG D 289 -21.28 31.61 -23.87
CA ARG D 289 -21.92 32.92 -23.68
C ARG D 289 -23.13 32.82 -22.76
N GLN D 290 -23.95 31.78 -22.95
CA GLN D 290 -25.12 31.60 -22.08
C GLN D 290 -24.68 31.41 -20.63
N ALA D 291 -23.60 30.67 -20.41
CA ALA D 291 -23.11 30.46 -19.05
C ALA D 291 -22.67 31.79 -18.43
N ALA D 292 -21.85 32.58 -19.15
CA ALA D 292 -21.40 33.87 -18.62
C ALA D 292 -22.57 34.82 -18.42
N ASP D 293 -23.60 34.72 -19.27
CA ASP D 293 -24.81 35.49 -19.07
C ASP D 293 -25.61 35.09 -17.83
N ARG D 294 -25.21 34.07 -17.07
CA ARG D 294 -25.86 33.88 -15.78
C ARG D 294 -25.49 35.02 -14.83
N ALA D 295 -24.30 35.60 -15.01
CA ALA D 295 -23.81 36.73 -14.23
C ALA D 295 -23.94 38.05 -14.96
N HIS D 296 -23.70 38.06 -16.27
CA HIS D 296 -23.83 39.28 -17.08
C HIS D 296 -25.25 39.35 -17.61
N ARG D 297 -26.15 39.95 -16.83
CA ARG D 297 -27.54 40.05 -17.21
C ARG D 297 -28.19 41.12 -16.33
N VAL D 298 -29.40 41.53 -16.72
CA VAL D 298 -30.14 42.57 -16.01
C VAL D 298 -30.16 42.30 -14.51
N GLY D 299 -29.82 43.34 -13.74
CA GLY D 299 -29.66 43.24 -12.31
C GLY D 299 -28.21 43.26 -11.87
N GLN D 300 -27.28 42.96 -12.78
CA GLN D 300 -25.87 43.01 -12.45
C GLN D 300 -25.40 44.45 -12.30
N THR D 301 -24.81 44.77 -11.15
CA THR D 301 -24.35 46.13 -10.88
C THR D 301 -22.85 46.28 -11.10
N LYS D 302 -22.11 45.20 -11.29
CA LYS D 302 -20.66 45.26 -11.37
C LYS D 302 -20.18 44.86 -12.76
N GLU D 303 -18.95 45.25 -13.06
CA GLU D 303 -18.28 44.75 -14.26
C GLU D 303 -18.03 43.26 -14.11
N VAL D 304 -18.40 42.50 -15.14
CA VAL D 304 -18.22 41.05 -15.14
C VAL D 304 -16.94 40.69 -15.87
N ASN D 305 -16.11 39.85 -15.25
CA ASN D 305 -14.87 39.39 -15.83
C ASN D 305 -14.98 37.90 -16.07
N ILE D 306 -14.78 37.50 -17.32
CA ILE D 306 -14.88 36.11 -17.75
C ILE D 306 -13.50 35.66 -18.18
N THR D 307 -13.01 34.58 -17.58
CA THR D 307 -11.71 34.00 -17.92
C THR D 307 -11.91 32.56 -18.39
N THR D 308 -11.38 32.23 -19.56
CA THR D 308 -11.41 30.87 -20.07
C THR D 308 -10.01 30.27 -19.95
N LEU D 309 -9.92 29.08 -19.34
CA LEU D 309 -8.65 28.39 -19.19
C LEU D 309 -8.38 27.56 -20.43
N ILE D 310 -7.20 27.75 -21.02
CA ILE D 310 -6.81 27.05 -22.23
C ILE D 310 -5.41 26.51 -22.00
N THR D 311 -5.26 25.19 -22.13
CA THR D 311 -3.95 24.58 -21.96
C THR D 311 -3.12 24.76 -23.24
N LYS D 312 -1.94 25.36 -23.09
CA LYS D 312 -1.01 25.55 -24.19
C LYS D 312 -0.55 24.23 -24.78
N ASP D 313 -0.34 24.23 -26.11
CA ASP D 313 0.19 23.06 -26.83
CA ASP D 313 0.19 23.06 -26.83
C ASP D 313 -0.70 21.85 -26.63
N SER D 314 -2.00 22.08 -26.63
CA SER D 314 -2.96 21.00 -26.51
C SER D 314 -4.05 21.23 -27.54
N ILE D 315 -4.93 20.24 -27.64
CA ILE D 315 -6.07 20.33 -28.54
C ILE D 315 -6.98 21.49 -28.17
N GLU D 316 -6.95 21.96 -26.92
CA GLU D 316 -7.80 23.09 -26.54
C GLU D 316 -7.52 24.32 -27.41
N GLU D 317 -6.26 24.51 -27.80
CA GLU D 317 -5.92 25.61 -28.70
C GLU D 317 -6.62 25.48 -30.05
N LYS D 318 -6.70 24.25 -30.60
CA LYS D 318 -7.41 24.02 -31.86
C LYS D 318 -8.91 24.19 -31.71
N ILE D 319 -9.48 23.70 -30.61
CA ILE D 319 -10.90 23.93 -30.36
C ILE D 319 -11.17 25.43 -30.27
N HIS D 320 -10.30 26.16 -29.57
CA HIS D 320 -10.51 27.59 -29.42
C HIS D 320 -10.61 28.28 -30.77
N GLN D 321 -9.68 27.97 -31.69
CA GLN D 321 -9.63 28.66 -32.96
C GLN D 321 -10.63 28.13 -33.98
N LEU D 322 -11.14 26.92 -33.82
CA LEU D 322 -12.04 26.33 -34.80
C LEU D 322 -13.49 26.29 -34.32
N ALA D 323 -13.78 26.91 -33.17
CA ALA D 323 -15.12 26.80 -32.59
C ALA D 323 -16.14 27.47 -33.50
N LYS D 324 -17.29 26.82 -33.66
CA LYS D 324 -18.32 27.29 -34.58
C LYS D 324 -19.54 27.71 -33.78
N ASN D 325 -19.85 28.99 -33.79
CA ASN D 325 -21.03 29.49 -33.07
C ASN D 325 -22.27 29.13 -33.85
N LYS D 326 -23.29 28.68 -33.14
CA LYS D 326 -24.52 28.19 -33.75
C LYS D 326 -25.55 28.00 -32.63
N LEU D 327 -26.81 27.86 -33.05
CA LEU D 327 -27.90 27.52 -32.13
C LEU D 327 -28.34 26.10 -32.45
N ALA D 328 -28.25 25.21 -31.46
CA ALA D 328 -28.49 23.80 -31.68
C ALA D 328 -29.98 23.49 -31.86
N LEU D 329 -30.27 22.44 -32.63
CA LEU D 329 -31.66 22.11 -32.97
C LEU D 329 -32.44 21.57 -31.79
N ASP D 330 -31.77 20.94 -30.82
CA ASP D 330 -32.45 20.37 -29.66
C ASP D 330 -32.66 21.39 -28.55
N SER D 331 -32.54 22.69 -28.85
CA SER D 331 -32.66 23.75 -27.85
C SER D 331 -34.06 23.85 -27.25
N TYR D 332 -35.04 23.14 -27.79
CA TYR D 332 -36.41 23.21 -27.29
C TYR D 332 -36.68 22.12 -26.25
N ASP D 341 -19.25 15.15 -23.12
CA ASP D 341 -19.37 15.94 -24.35
C ASP D 341 -18.53 15.33 -25.49
N VAL D 342 -19.16 14.48 -26.30
CA VAL D 342 -18.51 13.94 -27.49
C VAL D 342 -18.83 14.83 -28.68
N LEU D 343 -17.81 15.14 -29.48
CA LEU D 343 -18.02 15.87 -30.71
C LEU D 343 -18.44 14.89 -31.81
N GLU D 344 -19.13 15.41 -32.82
CA GLU D 344 -19.62 14.54 -33.87
C GLU D 344 -18.45 14.04 -34.72
N SER D 345 -18.75 13.07 -35.59
CA SER D 345 -17.70 12.33 -36.27
C SER D 345 -16.89 13.20 -37.23
N LYS D 346 -17.53 14.14 -37.94
CA LYS D 346 -16.80 14.95 -38.91
C LYS D 346 -15.93 15.98 -38.21
N VAL D 347 -16.40 16.53 -37.09
CA VAL D 347 -15.58 17.44 -36.29
C VAL D 347 -14.38 16.70 -35.70
N SER D 348 -14.63 15.52 -35.10
CA SER D 348 -13.55 14.75 -34.50
C SER D 348 -12.54 14.29 -35.55
N ASP D 349 -13.02 13.90 -36.74
CA ASP D 349 -12.14 13.56 -37.86
C ASP D 349 -11.24 14.75 -38.21
N MET D 350 -11.84 15.92 -38.39
CA MET D 350 -11.09 17.12 -38.74
C MET D 350 -10.04 17.44 -37.67
N LEU D 351 -10.42 17.32 -36.39
CA LEU D 351 -9.48 17.59 -35.31
C LEU D 351 -8.33 16.61 -35.34
N GLU D 352 -8.63 15.31 -35.51
CA GLU D 352 -7.55 14.32 -35.57
C GLU D 352 -6.60 14.60 -36.73
N ASP D 353 -7.14 15.05 -37.87
CA ASP D 353 -6.32 15.34 -39.04
C ASP D 353 -5.38 16.53 -38.80
N ILE D 354 -5.87 17.58 -38.14
CA ILE D 354 -5.02 18.72 -37.81
C ILE D 354 -3.92 18.32 -36.83
N ILE D 355 -4.23 17.50 -35.84
CA ILE D 355 -3.20 17.04 -34.88
C ILE D 355 -2.07 16.33 -35.63
N TYR D 356 -2.48 15.45 -36.54
CA TYR D 356 -1.58 14.66 -37.36
C TYR D 356 -0.70 15.54 -38.25
N ASP D 357 -1.36 16.46 -38.94
CA ASP D 357 -0.63 17.44 -39.75
C ASP D 357 0.50 18.09 -38.96
N GLU D 358 0.15 18.61 -37.79
CA GLU D 358 1.12 19.31 -36.96
C GLU D 358 2.22 18.45 -36.43
N LEU D 359 1.89 17.24 -36.04
CA LEU D 359 2.92 16.28 -35.64
C LEU D 359 3.91 16.03 -36.76
N GLU D 360 3.42 15.88 -38.00
CA GLU D 360 4.27 15.58 -39.15
C GLU D 360 4.79 16.83 -39.85
N HIS D 361 4.48 18.01 -39.34
CA HIS D 361 5.03 19.29 -39.80
C HIS D 361 4.59 19.69 -41.20
N HIS D 362 3.39 19.29 -41.63
CA HIS D 362 2.85 19.85 -42.87
C HIS D 362 1.38 19.50 -43.01
N HIS D 363 0.70 20.24 -43.89
CA HIS D 363 -0.67 19.94 -44.25
C HIS D 363 -0.70 18.81 -45.26
N HIS D 364 -1.51 17.78 -44.98
CA HIS D 364 -1.64 16.63 -45.87
C HIS D 364 -2.68 16.93 -46.94
N HIS D 365 -2.30 16.73 -48.21
CA HIS D 365 -3.18 17.00 -49.34
C HIS D 365 -3.75 15.70 -49.92
#